data_3RF6
#
_entry.id   3RF6
#
_cell.length_a   59.912
_cell.length_b   71.652
_cell.length_c   195.428
_cell.angle_alpha   90.00
_cell.angle_beta   90.00
_cell.angle_gamma   90.00
#
_symmetry.space_group_name_H-M   'P 21 21 21'
#
loop_
_entity.id
_entity.type
_entity.pdbx_description
1 polymer 'Uncharacterized protein YKR070W'
2 non-polymer 'CITRATE ANION'
3 non-polymer SN-GLYCEROL-3-PHOSPHATE
4 non-polymer 'MAGNESIUM ION'
5 water water
#
_entity_poly.entity_id   1
_entity_poly.type   'polypeptide(L)'
_entity_poly.pdbx_seq_one_letter_code
;SNAMIGKRFFQTTSKKIAFAFAIDGVLFRGKKPIAGASDALKLLNRNKIPYILLTNGGGFSERARTEFISSKLDVDVSPL
QIIQSHTPYKSLVNKYSRILAVGTPSVRGVAEGYGFQDVVHQTDIVRYNRDIAPFSGLSDEQVMEYSRDIPDLTTKKFDA
VLVFNDPHDWAADIQIISDAINSENGMLNTLRNEKSGKPSIPIYFSNQDLLWANPYKLNRFGQGAFRLLVRRLYLELNGE
PLQDYTLGKPTKLTYDFAHHVLIDWEKRLSGKIGQSVKQKLPLLGTKPSTSPFHAVFMVGDNPASDIIGAQNYGWNSCLV
KTGVYNEGDDLKECKPTLIVNDVFDAVTKTLEKYA
;
_entity_poly.pdbx_strand_id   A,B
#
# COMPACT_ATOMS: atom_id res chain seq x y z
N LYS A 16 -42.94 14.82 -11.13
CA LYS A 16 -42.42 13.48 -10.86
C LYS A 16 -41.26 13.54 -9.87
N ILE A 17 -41.27 12.65 -8.90
CA ILE A 17 -40.21 12.58 -7.90
C ILE A 17 -39.43 11.28 -8.12
N ALA A 18 -38.12 11.32 -7.92
CA ALA A 18 -37.27 10.15 -8.18
C ALA A 18 -36.30 9.92 -7.03
N PHE A 19 -35.72 8.73 -6.97
CA PHE A 19 -34.73 8.40 -5.94
C PHE A 19 -33.47 7.87 -6.61
N ALA A 20 -32.33 8.12 -5.97
CA ALA A 20 -31.09 7.53 -6.39
C ALA A 20 -30.47 6.97 -5.10
N PHE A 21 -30.29 5.65 -5.05
CA PHE A 21 -29.77 4.98 -3.85
C PHE A 21 -28.30 4.62 -3.95
N ALA A 22 -27.54 4.96 -2.92
CA ALA A 22 -26.26 4.27 -2.69
C ALA A 22 -26.62 2.84 -2.32
N ILE A 23 -25.63 1.94 -2.36
CA ILE A 23 -25.89 0.54 -2.03
C ILE A 23 -25.19 0.18 -0.71
N ASP A 24 -23.87 0.28 -0.67
CA ASP A 24 -23.16 -0.08 0.56
C ASP A 24 -23.61 0.87 1.69
N GLY A 25 -24.00 0.31 2.82
CA GLY A 25 -24.37 1.14 3.95
C GLY A 25 -25.82 1.66 3.89
N VAL A 26 -26.58 1.28 2.83
CA VAL A 26 -27.96 1.78 2.60
C VAL A 26 -28.89 0.62 2.24
N LEU A 27 -28.49 -0.18 1.25
CA LEU A 27 -29.28 -1.37 0.89
C LEU A 27 -28.65 -2.67 1.41
N PHE A 28 -27.32 -2.69 1.52
CA PHE A 28 -26.57 -3.90 1.90
C PHE A 28 -25.45 -3.52 2.85
N ARG A 29 -25.04 -4.45 3.70
CA ARG A 29 -23.68 -4.40 4.29
C ARG A 29 -23.00 -5.67 3.80
N GLY A 30 -22.01 -5.52 2.92
CA GLY A 30 -21.44 -6.68 2.24
C GLY A 30 -22.49 -7.35 1.37
N LYS A 31 -22.70 -8.66 1.56
CA LYS A 31 -23.70 -9.37 0.75
C LYS A 31 -25.06 -9.48 1.43
N LYS A 32 -25.18 -8.94 2.63
CA LYS A 32 -26.40 -9.10 3.41
C LYS A 32 -27.28 -7.89 3.27
N PRO A 33 -28.55 -8.08 2.89
CA PRO A 33 -29.41 -6.89 2.82
C PRO A 33 -29.58 -6.20 4.17
N ILE A 34 -29.69 -4.88 4.17
CA ILE A 34 -30.09 -4.16 5.37
C ILE A 34 -31.59 -4.35 5.59
N ALA A 35 -32.02 -4.47 6.84
CA ALA A 35 -33.44 -4.65 7.14
C ALA A 35 -34.21 -3.47 6.55
N GLY A 36 -35.29 -3.78 5.82
CA GLY A 36 -36.14 -2.78 5.22
C GLY A 36 -35.75 -2.39 3.81
N ALA A 37 -34.54 -2.74 3.38
CA ALA A 37 -34.08 -2.42 2.03
C ALA A 37 -35.04 -3.02 0.99
N SER A 38 -35.30 -4.31 1.10
CA SER A 38 -36.26 -4.94 0.20
C SER A 38 -37.62 -4.23 0.20
N ASP A 39 -38.17 -3.95 1.38
CA ASP A 39 -39.44 -3.28 1.48
C ASP A 39 -39.47 -1.92 0.79
N ALA A 40 -38.36 -1.18 0.91
CA ALA A 40 -38.22 0.15 0.32
C ALA A 40 -38.34 0.10 -1.19
N LEU A 41 -37.58 -0.78 -1.85
CA LEU A 41 -37.64 -0.81 -3.29
C LEU A 41 -38.97 -1.41 -3.74
N LYS A 42 -39.52 -2.34 -2.97
CA LYS A 42 -40.85 -2.87 -3.32
C LYS A 42 -41.89 -1.76 -3.25
N LEU A 43 -41.71 -0.83 -2.32
CA LEU A 43 -42.70 0.23 -2.16
C LEU A 43 -42.64 1.16 -3.38
N LEU A 44 -41.41 1.44 -3.85
CA LEU A 44 -41.21 2.28 -5.03
C LEU A 44 -41.73 1.59 -6.28
N ASN A 45 -41.46 0.30 -6.41
CA ASN A 45 -42.02 -0.47 -7.49
C ASN A 45 -43.56 -0.47 -7.47
N ARG A 46 -44.17 -0.76 -6.32
CA ARG A 46 -45.63 -0.86 -6.23
C ARG A 46 -46.26 0.44 -6.70
N ASN A 47 -45.66 1.55 -6.30
CA ASN A 47 -46.19 2.87 -6.63
C ASN A 47 -45.60 3.48 -7.91
N LYS A 48 -44.87 2.69 -8.69
CA LYS A 48 -44.34 3.15 -9.99
C LYS A 48 -43.47 4.43 -9.89
N ILE A 49 -42.65 4.52 -8.86
CA ILE A 49 -41.77 5.67 -8.71
C ILE A 49 -40.41 5.27 -9.21
N PRO A 50 -39.84 6.05 -10.15
CA PRO A 50 -38.56 5.75 -10.78
C PRO A 50 -37.38 5.90 -9.83
N TYR A 51 -36.43 4.97 -9.88
CA TYR A 51 -35.19 5.16 -9.15
C TYR A 51 -34.02 4.54 -9.89
N ILE A 52 -32.83 5.00 -9.55
CA ILE A 52 -31.61 4.35 -10.00
C ILE A 52 -30.81 3.92 -8.75
N LEU A 53 -29.84 3.04 -8.95
CA LEU A 53 -28.84 2.75 -7.94
C LEU A 53 -27.59 3.45 -8.43
N LEU A 54 -27.11 4.42 -7.65
CA LEU A 54 -25.91 5.19 -7.98
C LEU A 54 -24.87 4.84 -6.94
N THR A 55 -23.94 3.94 -7.28
CA THR A 55 -23.02 3.40 -6.29
C THR A 55 -21.57 3.65 -6.70
N ASN A 56 -20.75 3.93 -5.71
CA ASN A 56 -19.31 3.97 -5.94
C ASN A 56 -18.65 2.59 -5.82
N GLY A 57 -19.44 1.55 -5.58
CA GLY A 57 -18.89 0.19 -5.62
C GLY A 57 -18.80 -0.26 -7.08
N GLY A 58 -18.39 -1.49 -7.29
CA GLY A 58 -18.20 -1.96 -8.65
C GLY A 58 -17.35 -3.21 -8.61
N GLY A 59 -17.02 -3.75 -9.78
CA GLY A 59 -16.20 -4.98 -9.88
C GLY A 59 -16.79 -5.94 -10.92
N PHE A 60 -18.11 -6.01 -11.00
CA PHE A 60 -18.80 -6.85 -12.01
C PHE A 60 -19.63 -6.02 -12.98
N SER A 61 -20.16 -6.69 -14.01
CA SER A 61 -20.86 -5.98 -15.06
C SER A 61 -22.15 -5.43 -14.46
N GLU A 62 -22.75 -4.45 -15.10
CA GLU A 62 -23.99 -3.88 -14.60
C GLU A 62 -25.05 -5.00 -14.44
N ARG A 63 -25.20 -5.83 -15.46
CA ARG A 63 -26.19 -6.93 -15.40
C ARG A 63 -25.92 -7.88 -14.23
N ALA A 64 -24.67 -8.32 -14.06
CA ALA A 64 -24.37 -9.24 -12.97
C ALA A 64 -24.69 -8.62 -11.60
N ARG A 65 -24.34 -7.34 -11.43
CA ARG A 65 -24.58 -6.72 -10.13
C ARG A 65 -26.09 -6.61 -9.85
N THR A 66 -26.88 -6.18 -10.84
CA THR A 66 -28.31 -5.98 -10.59
C THR A 66 -29.07 -7.35 -10.50
N GLU A 67 -28.54 -8.38 -11.13
CA GLU A 67 -29.12 -9.73 -10.97
C GLU A 67 -28.92 -10.20 -9.53
N PHE A 68 -27.75 -9.88 -8.96
CA PHE A 68 -27.44 -10.30 -7.61
C PHE A 68 -28.36 -9.54 -6.66
N ILE A 69 -28.47 -8.23 -6.86
CA ILE A 69 -29.31 -7.39 -6.01
C ILE A 69 -30.79 -7.80 -6.14
N SER A 70 -31.23 -8.03 -7.36
CA SER A 70 -32.60 -8.50 -7.59
C SER A 70 -32.89 -9.78 -6.83
N SER A 71 -31.92 -10.68 -6.79
CA SER A 71 -32.12 -11.96 -6.15
C SER A 71 -32.24 -11.77 -4.64
N LYS A 72 -31.33 -10.98 -4.05
CA LYS A 72 -31.24 -10.88 -2.61
C LYS A 72 -32.35 -10.05 -1.99
N LEU A 73 -32.85 -9.06 -2.77
CA LEU A 73 -33.95 -8.18 -2.33
C LEU A 73 -35.32 -8.60 -2.83
N ASP A 74 -35.38 -9.73 -3.55
CA ASP A 74 -36.66 -10.22 -4.05
C ASP A 74 -37.43 -9.11 -4.79
N VAL A 75 -36.73 -8.34 -5.62
CA VAL A 75 -37.38 -7.32 -6.46
C VAL A 75 -36.70 -7.24 -7.83
N ASP A 76 -37.39 -6.69 -8.83
CA ASP A 76 -36.78 -6.59 -10.14
C ASP A 76 -36.06 -5.26 -10.34
N VAL A 77 -34.73 -5.34 -10.43
CA VAL A 77 -33.86 -4.19 -10.75
C VAL A 77 -33.21 -4.46 -12.10
N SER A 78 -33.47 -3.60 -13.06
CA SER A 78 -32.94 -3.74 -14.40
C SER A 78 -31.47 -3.35 -14.44
N PRO A 79 -30.68 -3.98 -15.33
CA PRO A 79 -29.31 -3.50 -15.55
C PRO A 79 -29.28 -2.01 -15.87
N LEU A 80 -30.34 -1.54 -16.50
CA LEU A 80 -30.43 -0.14 -16.93
C LEU A 80 -30.58 0.80 -15.76
N GLN A 81 -30.81 0.28 -14.55
CA GLN A 81 -31.03 1.17 -13.40
C GLN A 81 -29.76 1.48 -12.63
N ILE A 82 -28.65 0.85 -12.96
CA ILE A 82 -27.46 1.03 -12.13
C ILE A 82 -26.36 1.84 -12.82
N ILE A 83 -25.74 2.72 -12.04
CA ILE A 83 -24.45 3.32 -12.40
C ILE A 83 -23.46 2.97 -11.31
N GLN A 84 -22.45 2.18 -11.66
CA GLN A 84 -21.38 1.84 -10.74
C GLN A 84 -20.21 2.82 -10.94
N SER A 85 -19.23 2.74 -10.05
CA SER A 85 -18.09 3.68 -10.10
C SER A 85 -17.55 3.73 -11.55
N HIS A 86 -17.34 2.54 -12.13
CA HIS A 86 -16.67 2.42 -13.41
C HIS A 86 -17.60 2.42 -14.63
N THR A 87 -18.91 2.53 -14.43
CA THR A 87 -19.78 2.50 -15.59
C THR A 87 -19.43 3.57 -16.61
N PRO A 88 -19.08 4.80 -16.14
CA PRO A 88 -18.82 5.78 -17.21
C PRO A 88 -17.54 5.52 -17.98
N TYR A 89 -16.72 4.55 -17.55
CA TYR A 89 -15.52 4.20 -18.32
C TYR A 89 -15.94 3.68 -19.69
N LYS A 90 -17.20 3.29 -19.84
CA LYS A 90 -17.65 2.85 -21.16
C LYS A 90 -17.41 3.93 -22.20
N SER A 91 -17.47 5.18 -21.80
CA SER A 91 -17.27 6.29 -22.74
CA SER A 91 -17.27 6.28 -22.73
C SER A 91 -15.81 6.42 -23.20
N LEU A 92 -14.89 5.69 -22.56
CA LEU A 92 -13.48 5.89 -22.89
C LEU A 92 -12.91 4.86 -23.90
N VAL A 93 -13.78 3.99 -24.38
CA VAL A 93 -13.32 2.81 -25.13
C VAL A 93 -12.64 3.19 -26.45
N ASN A 94 -13.07 4.30 -27.03
CA ASN A 94 -12.43 4.68 -28.29
CA ASN A 94 -12.53 4.80 -28.28
C ASN A 94 -11.32 5.71 -28.10
N LYS A 95 -10.95 5.92 -26.85
CA LYS A 95 -9.87 6.81 -26.54
C LYS A 95 -8.53 6.11 -26.27
N TYR A 96 -8.57 4.93 -25.65
CA TYR A 96 -7.38 4.24 -25.14
C TYR A 96 -7.42 2.80 -25.63
N SER A 97 -6.48 2.41 -26.47
CA SER A 97 -6.51 1.06 -27.01
CA SER A 97 -6.54 1.05 -27.00
C SER A 97 -6.07 0.01 -25.97
N ARG A 98 -4.91 0.25 -25.37
CA ARG A 98 -4.41 -0.66 -24.30
C ARG A 98 -4.58 0.02 -22.95
N ILE A 99 -5.28 -0.60 -22.02
CA ILE A 99 -5.41 0.00 -20.69
C ILE A 99 -4.89 -0.94 -19.65
N LEU A 100 -4.29 -0.39 -18.62
CA LEU A 100 -4.12 -1.13 -17.38
C LEU A 100 -5.40 -1.00 -16.56
N ALA A 101 -6.18 -2.08 -16.47
CA ALA A 101 -7.47 -2.09 -15.81
C ALA A 101 -7.22 -2.58 -14.43
N VAL A 102 -7.24 -1.70 -13.45
CA VAL A 102 -6.93 -2.11 -12.08
C VAL A 102 -8.16 -2.37 -11.24
N GLY A 103 -8.11 -3.46 -10.48
CA GLY A 103 -9.17 -3.79 -9.56
C GLY A 103 -9.16 -5.26 -9.25
N THR A 104 -10.28 -5.75 -8.75
CA THR A 104 -10.41 -7.22 -8.57
C THR A 104 -10.36 -7.91 -9.93
N PRO A 105 -10.13 -9.21 -9.93
CA PRO A 105 -9.87 -9.86 -11.23
C PRO A 105 -11.05 -9.75 -12.20
N SER A 106 -12.27 -9.60 -11.66
CA SER A 106 -13.47 -9.53 -12.51
C SER A 106 -13.45 -8.27 -13.34
N VAL A 107 -12.70 -7.23 -12.96
CA VAL A 107 -12.75 -6.01 -13.76
C VAL A 107 -12.17 -6.18 -15.14
N ARG A 108 -11.33 -7.18 -15.37
CA ARG A 108 -10.84 -7.41 -16.72
C ARG A 108 -12.02 -7.72 -17.69
N GLY A 109 -12.86 -8.64 -17.25
CA GLY A 109 -14.07 -9.02 -18.00
C GLY A 109 -15.02 -7.83 -18.17
N VAL A 110 -15.16 -6.99 -17.15
CA VAL A 110 -16.03 -5.80 -17.29
C VAL A 110 -15.48 -4.92 -18.39
N ALA A 111 -14.16 -4.69 -18.36
CA ALA A 111 -13.54 -3.85 -19.36
C ALA A 111 -13.65 -4.38 -20.77
N GLU A 112 -13.49 -5.69 -20.88
CA GLU A 112 -13.58 -6.34 -22.18
C GLU A 112 -15.00 -6.21 -22.67
N GLY A 113 -15.97 -6.50 -21.79
CA GLY A 113 -17.37 -6.30 -22.16
C GLY A 113 -17.73 -4.88 -22.62
N TYR A 114 -17.15 -3.89 -21.95
CA TYR A 114 -17.36 -2.49 -22.36
C TYR A 114 -16.86 -2.22 -23.80
N GLY A 115 -15.88 -3.00 -24.25
CA GLY A 115 -15.32 -2.82 -25.58
C GLY A 115 -13.90 -2.33 -25.68
N PHE A 116 -13.19 -2.21 -24.55
CA PHE A 116 -11.79 -1.85 -24.63
C PHE A 116 -11.08 -2.91 -25.42
N GLN A 117 -10.14 -2.49 -26.24
CA GLN A 117 -9.58 -3.46 -27.22
C GLN A 117 -8.43 -4.30 -26.69
N ASP A 118 -7.66 -3.78 -25.73
CA ASP A 118 -6.48 -4.53 -25.25
C ASP A 118 -6.39 -4.33 -23.74
N VAL A 119 -7.05 -5.19 -22.96
CA VAL A 119 -7.16 -4.96 -21.51
C VAL A 119 -6.05 -5.74 -20.83
N VAL A 120 -5.30 -5.10 -19.95
CA VAL A 120 -4.26 -5.79 -19.17
C VAL A 120 -4.63 -5.56 -17.73
N HIS A 121 -4.75 -6.64 -17.00
CA HIS A 121 -5.02 -6.54 -15.57
C HIS A 121 -3.72 -6.45 -14.81
N GLN A 122 -3.67 -5.82 -13.61
CA GLN A 122 -2.38 -5.72 -12.97
C GLN A 122 -1.76 -7.10 -12.64
N THR A 123 -2.58 -8.16 -12.46
CA THR A 123 -1.99 -9.47 -12.17
C THR A 123 -1.26 -10.01 -13.41
N ASP A 124 -1.54 -9.51 -14.63
CA ASP A 124 -0.83 -10.03 -15.79
C ASP A 124 0.62 -9.59 -15.78
N ILE A 125 0.91 -8.46 -15.11
CA ILE A 125 2.30 -8.03 -14.98
C ILE A 125 3.05 -8.82 -13.91
N VAL A 126 2.37 -9.17 -12.83
CA VAL A 126 2.95 -10.08 -11.84
C VAL A 126 3.25 -11.47 -12.48
N ARG A 127 2.30 -11.99 -13.28
CA ARG A 127 2.50 -13.25 -14.01
C ARG A 127 3.80 -13.15 -14.83
N TYR A 128 3.96 -12.02 -15.51
CA TYR A 128 5.10 -11.80 -16.40
C TYR A 128 6.44 -11.77 -15.67
N ASN A 129 6.54 -11.06 -14.52
CA ASN A 129 7.80 -10.99 -13.80
C ASN A 129 7.48 -10.72 -12.31
N ARG A 130 7.68 -11.70 -11.45
CA ARG A 130 7.36 -11.50 -10.03
C ARG A 130 8.25 -10.43 -9.45
N ASP A 131 9.42 -10.22 -10.01
CA ASP A 131 10.33 -9.25 -9.41
C ASP A 131 9.86 -7.82 -9.56
N ILE A 132 8.87 -7.58 -10.41
CA ILE A 132 8.34 -6.21 -10.53
C ILE A 132 7.62 -5.82 -9.24
N ALA A 133 7.02 -6.81 -8.58
CA ALA A 133 6.23 -6.55 -7.38
C ALA A 133 6.74 -7.40 -6.22
N PRO A 134 7.84 -6.99 -5.59
CA PRO A 134 8.48 -7.89 -4.60
C PRO A 134 7.59 -8.13 -3.40
N PHE A 135 6.61 -7.26 -3.14
CA PHE A 135 5.71 -7.45 -2.00
C PHE A 135 4.31 -7.87 -2.37
N SER A 136 4.19 -8.42 -3.58
CA SER A 136 2.91 -9.06 -3.96
C SER A 136 2.61 -10.24 -3.04
N GLY A 137 1.36 -10.38 -2.65
CA GLY A 137 0.92 -11.51 -1.84
C GLY A 137 0.29 -12.63 -2.72
N LEU A 138 0.35 -12.46 -4.05
CA LEU A 138 -0.40 -13.42 -4.90
C LEU A 138 0.31 -14.76 -4.84
N SER A 139 -0.44 -15.83 -4.53
CA SER A 139 0.16 -17.18 -4.57
C SER A 139 0.24 -17.61 -6.03
N ASP A 140 1.01 -18.66 -6.30
CA ASP A 140 1.11 -19.12 -7.68
C ASP A 140 -0.28 -19.54 -8.19
N GLU A 141 -1.08 -20.14 -7.32
CA GLU A 141 -2.43 -20.57 -7.74
C GLU A 141 -3.28 -19.30 -8.07
N GLN A 142 -3.18 -18.25 -7.23
CA GLN A 142 -3.89 -17.02 -7.59
C GLN A 142 -3.43 -16.39 -8.89
N VAL A 143 -2.14 -16.41 -9.14
CA VAL A 143 -1.66 -15.79 -10.38
C VAL A 143 -2.30 -16.56 -11.55
N MET A 144 -2.26 -17.89 -11.46
CA MET A 144 -2.85 -18.72 -12.56
C MET A 144 -4.34 -18.47 -12.73
N GLU A 145 -5.06 -18.29 -11.64
CA GLU A 145 -6.49 -18.05 -11.73
C GLU A 145 -6.85 -16.62 -12.22
N TYR A 146 -6.16 -15.60 -11.74
CA TYR A 146 -6.58 -14.24 -12.02
C TYR A 146 -5.98 -13.69 -13.32
N SER A 147 -4.80 -14.16 -13.71
CA SER A 147 -4.08 -13.50 -14.78
C SER A 147 -4.28 -14.19 -16.10
N ARG A 148 -3.75 -13.54 -17.14
CA ARG A 148 -3.76 -14.11 -18.50
C ARG A 148 -2.41 -13.88 -19.16
N ASP A 149 -2.11 -14.70 -20.16
CA ASP A 149 -0.86 -14.56 -20.90
C ASP A 149 -1.02 -13.51 -22.00
N ILE A 150 -0.83 -12.25 -21.66
CA ILE A 150 -1.03 -11.14 -22.60
C ILE A 150 0.08 -11.03 -23.62
N PRO A 151 -0.26 -10.98 -24.93
CA PRO A 151 0.76 -10.80 -25.95
C PRO A 151 1.40 -9.42 -25.90
N ASP A 152 2.71 -9.40 -26.11
CA ASP A 152 3.46 -8.14 -26.21
C ASP A 152 3.24 -7.17 -25.10
N LEU A 153 3.38 -7.69 -23.89
CA LEU A 153 3.31 -6.85 -22.76
C LEU A 153 4.45 -5.84 -22.76
N THR A 154 5.63 -6.19 -23.30
CA THR A 154 6.78 -5.32 -23.18
C THR A 154 7.07 -4.50 -24.44
N THR A 155 6.29 -4.68 -25.50
CA THR A 155 6.62 -4.00 -26.75
C THR A 155 5.43 -3.22 -27.28
N LYS A 156 4.31 -3.23 -26.58
CA LYS A 156 3.18 -2.39 -27.00
C LYS A 156 2.90 -1.42 -25.86
N LYS A 157 2.81 -0.12 -26.16
CA LYS A 157 2.62 0.85 -25.07
C LYS A 157 1.27 0.72 -24.39
N PHE A 158 1.22 1.04 -23.09
CA PHE A 158 -0.04 1.22 -22.40
C PHE A 158 -0.54 2.66 -22.73
N ASP A 159 -1.84 2.81 -22.92
CA ASP A 159 -2.45 4.12 -23.20
C ASP A 159 -3.08 4.83 -21.99
N ALA A 160 -3.56 4.08 -20.99
CA ALA A 160 -4.09 4.72 -19.75
C ALA A 160 -4.13 3.70 -18.62
N VAL A 161 -4.20 4.19 -17.39
CA VAL A 161 -4.49 3.38 -16.24
C VAL A 161 -5.91 3.71 -15.80
N LEU A 162 -6.78 2.71 -15.76
CA LEU A 162 -8.12 2.93 -15.26
C LEU A 162 -8.37 2.12 -14.02
N VAL A 163 -8.63 2.77 -12.90
CA VAL A 163 -8.89 2.04 -11.67
C VAL A 163 -10.41 1.82 -11.59
N PHE A 164 -10.79 0.57 -11.76
CA PHE A 164 -12.22 0.19 -11.79
C PHE A 164 -12.78 0.03 -10.39
N ASN A 165 -12.05 -0.66 -9.52
CA ASN A 165 -12.49 -0.79 -8.11
C ASN A 165 -11.29 -1.04 -7.25
N ASP A 166 -11.46 -1.28 -5.97
CA ASP A 166 -10.30 -1.51 -5.12
C ASP A 166 -9.66 -2.86 -5.45
N PRO A 167 -8.35 -2.88 -5.72
CA PRO A 167 -7.76 -4.19 -5.96
C PRO A 167 -7.39 -4.84 -4.64
N HIS A 168 -7.06 -6.13 -4.62
CA HIS A 168 -6.76 -6.82 -3.35
C HIS A 168 -5.29 -7.25 -3.21
N ASP A 169 -4.34 -6.40 -3.63
CA ASP A 169 -2.91 -6.73 -3.44
C ASP A 169 -2.09 -5.46 -3.53
N TRP A 170 -2.30 -4.55 -2.60
CA TRP A 170 -1.93 -3.17 -2.87
C TRP A 170 -0.42 -2.92 -3.03
N ALA A 171 0.46 -3.72 -2.42
CA ALA A 171 1.89 -3.44 -2.67
C ALA A 171 2.22 -3.61 -4.14
N ALA A 172 1.65 -4.64 -4.75
CA ALA A 172 1.86 -4.84 -6.19
C ALA A 172 1.10 -3.81 -6.98
N ASP A 173 -0.16 -3.57 -6.59
CA ASP A 173 -1.01 -2.73 -7.38
C ASP A 173 -0.42 -1.31 -7.40
N ILE A 174 0.00 -0.78 -6.25
CA ILE A 174 0.58 0.59 -6.21
C ILE A 174 1.90 0.65 -6.98
N GLN A 175 2.74 -0.37 -6.82
CA GLN A 175 4.04 -0.41 -7.52
C GLN A 175 3.84 -0.40 -9.02
N ILE A 176 2.91 -1.25 -9.50
CA ILE A 176 2.68 -1.34 -10.91
C ILE A 176 2.04 -0.07 -11.51
N ILE A 177 1.10 0.56 -10.79
CA ILE A 177 0.49 1.81 -11.31
C ILE A 177 1.63 2.86 -11.30
N SER A 178 2.42 2.89 -10.24
CA SER A 178 3.52 3.90 -10.19
C SER A 178 4.49 3.71 -11.39
N ASP A 179 4.82 2.45 -11.72
CA ASP A 179 5.70 2.23 -12.88
C ASP A 179 5.04 2.81 -14.13
N ALA A 180 3.76 2.53 -14.36
CA ALA A 180 3.12 3.03 -15.63
C ALA A 180 3.10 4.56 -15.70
N ILE A 181 2.75 5.23 -14.60
CA ILE A 181 2.63 6.70 -14.70
C ILE A 181 3.98 7.42 -14.62
N ASN A 182 5.08 6.68 -14.43
CA ASN A 182 6.41 7.29 -14.47
C ASN A 182 7.25 6.65 -15.59
N SER A 183 6.60 5.91 -16.49
CA SER A 183 7.35 5.18 -17.53
C SER A 183 7.78 6.14 -18.64
N GLU A 184 8.49 5.57 -19.60
CA GLU A 184 8.72 6.29 -20.87
C GLU A 184 7.53 6.02 -21.81
N ASN A 185 6.61 6.96 -21.84
CA ASN A 185 5.42 6.95 -22.71
C ASN A 185 4.68 5.63 -22.68
N GLY A 186 4.51 5.06 -21.50
CA GLY A 186 3.62 3.93 -21.34
C GLY A 186 4.29 2.57 -21.58
N MET A 187 5.59 2.52 -21.83
CA MET A 187 6.23 1.21 -22.18
C MET A 187 6.60 0.51 -20.85
N LEU A 188 6.21 -0.75 -20.71
CA LEU A 188 6.64 -1.50 -19.52
C LEU A 188 8.17 -1.57 -19.42
N ASN A 189 8.69 -1.73 -18.21
CA ASN A 189 10.13 -1.86 -17.95
C ASN A 189 10.91 -0.59 -18.28
N THR A 190 10.27 0.59 -18.21
CA THR A 190 11.00 1.84 -18.47
C THR A 190 10.66 2.84 -17.39
N LEU A 191 11.53 3.84 -17.30
CA LEU A 191 11.38 4.90 -16.31
C LEU A 191 11.88 6.16 -16.99
N ARG A 192 11.03 7.17 -17.03
CA ARG A 192 11.38 8.41 -17.71
C ARG A 192 12.43 9.20 -16.95
N ASN A 193 13.07 10.13 -17.65
CA ASN A 193 14.18 10.89 -17.09
C ASN A 193 13.76 12.18 -16.36
N GLU A 194 12.60 12.72 -16.72
CA GLU A 194 12.22 14.05 -16.25
C GLU A 194 10.99 13.93 -15.34
N LYS A 195 11.03 14.62 -14.21
CA LYS A 195 9.91 14.70 -13.29
C LYS A 195 8.86 15.67 -13.81
N SER A 196 7.61 15.40 -13.44
CA SER A 196 6.50 16.25 -13.91
C SER A 196 5.23 15.94 -13.15
N GLY A 197 4.30 16.91 -13.12
CA GLY A 197 3.02 16.64 -12.50
C GLY A 197 2.14 15.84 -13.44
N LYS A 198 2.48 15.83 -14.72
CA LYS A 198 1.69 15.11 -15.71
C LYS A 198 2.20 13.67 -15.81
N PRO A 199 1.33 12.69 -15.53
CA PRO A 199 1.76 11.28 -15.59
C PRO A 199 2.08 10.90 -17.04
N SER A 200 2.90 9.88 -17.19
CA SER A 200 3.36 9.48 -18.51
C SER A 200 2.18 9.06 -19.38
N ILE A 201 1.17 8.44 -18.77
CA ILE A 201 -0.10 8.16 -19.46
C ILE A 201 -1.19 8.55 -18.48
N PRO A 202 -2.42 8.83 -18.98
CA PRO A 202 -3.44 9.31 -18.03
C PRO A 202 -3.86 8.26 -17.06
N ILE A 203 -4.32 8.72 -15.91
CA ILE A 203 -4.80 7.78 -14.91
C ILE A 203 -6.17 8.24 -14.35
N TYR A 204 -7.13 7.29 -14.31
CA TYR A 204 -8.46 7.56 -13.79
C TYR A 204 -8.74 6.79 -12.52
N PHE A 205 -9.37 7.45 -11.54
CA PHE A 205 -9.89 6.78 -10.33
C PHE A 205 -11.37 6.88 -10.39
N SER A 206 -12.08 5.81 -10.02
CA SER A 206 -13.56 5.81 -10.16
C SER A 206 -14.31 6.13 -8.88
N ASN A 207 -13.59 6.32 -7.76
CA ASN A 207 -14.25 6.46 -6.45
C ASN A 207 -13.23 7.10 -5.53
N GLN A 208 -13.57 8.27 -4.97
CA GLN A 208 -12.72 8.92 -3.98
C GLN A 208 -13.18 8.73 -2.53
N ASP A 209 -13.98 7.69 -2.22
CA ASP A 209 -14.48 7.51 -0.86
C ASP A 209 -13.31 7.10 0.00
N LEU A 210 -12.98 7.94 0.97
CA LEU A 210 -11.96 7.55 1.93
C LEU A 210 -12.44 6.37 2.75
N LEU A 211 -13.74 6.37 3.11
CA LEU A 211 -14.29 5.34 3.96
C LEU A 211 -15.56 4.75 3.36
N TRP A 212 -15.84 3.51 3.73
CA TRP A 212 -17.13 2.89 3.41
C TRP A 212 -17.55 1.88 4.48
N ALA A 213 -18.78 1.40 4.38
CA ALA A 213 -19.36 0.51 5.37
C ALA A 213 -19.50 -0.90 4.80
N ASN A 214 -18.72 -1.86 5.31
CA ASN A 214 -18.89 -3.26 4.93
C ASN A 214 -19.49 -3.95 6.19
N PRO A 215 -19.47 -5.29 6.25
CA PRO A 215 -20.11 -5.91 7.42
C PRO A 215 -19.48 -5.60 8.77
N TYR A 216 -18.24 -5.11 8.80
CA TYR A 216 -17.54 -4.86 10.06
C TYR A 216 -18.12 -3.64 10.76
N LYS A 217 -18.05 -3.56 12.09
CA LYS A 217 -18.72 -2.44 12.81
C LYS A 217 -17.98 -1.10 12.64
N LEU A 218 -16.71 -1.11 12.22
CA LEU A 218 -15.98 0.16 12.03
C LEU A 218 -15.79 0.46 10.53
N ASN A 219 -15.98 1.71 10.11
CA ASN A 219 -15.75 2.04 8.70
C ASN A 219 -14.35 1.60 8.19
N ARG A 220 -14.30 1.12 6.93
CA ARG A 220 -13.06 0.66 6.29
C ARG A 220 -12.56 1.65 5.21
N PHE A 221 -11.26 1.64 4.94
CA PHE A 221 -10.71 2.45 3.85
C PHE A 221 -11.27 1.97 2.55
N GLY A 222 -11.55 2.91 1.67
CA GLY A 222 -11.99 2.59 0.32
C GLY A 222 -11.05 3.14 -0.79
N GLN A 223 -11.57 3.27 -2.02
CA GLN A 223 -10.67 3.60 -3.13
C GLN A 223 -10.10 5.01 -2.96
N GLY A 224 -10.83 5.90 -2.27
CA GLY A 224 -10.30 7.24 -2.02
C GLY A 224 -8.98 7.10 -1.27
N ALA A 225 -8.89 6.18 -0.30
CA ALA A 225 -7.62 5.97 0.41
C ALA A 225 -6.58 5.45 -0.58
N PHE A 226 -6.93 4.48 -1.40
CA PHE A 226 -6.00 3.93 -2.42
C PHE A 226 -5.44 5.04 -3.32
N ARG A 227 -6.32 5.94 -3.75
CA ARG A 227 -5.90 7.10 -4.55
C ARG A 227 -4.93 8.01 -3.79
N LEU A 228 -5.19 8.27 -2.52
CA LEU A 228 -4.27 9.14 -1.74
C LEU A 228 -2.88 8.48 -1.67
N LEU A 229 -2.85 7.14 -1.65
CA LEU A 229 -1.55 6.45 -1.56
C LEU A 229 -0.80 6.53 -2.88
N VAL A 230 -1.50 6.28 -3.99
CA VAL A 230 -0.84 6.42 -5.30
C VAL A 230 -0.31 7.87 -5.45
N ARG A 231 -1.16 8.84 -5.15
CA ARG A 231 -0.73 10.25 -5.21
C ARG A 231 0.45 10.57 -4.31
N ARG A 232 0.51 10.01 -3.11
CA ARG A 232 1.61 10.33 -2.22
C ARG A 232 2.97 9.85 -2.76
N LEU A 233 3.04 8.63 -3.33
CA LEU A 233 4.29 8.20 -3.89
C LEU A 233 4.62 8.93 -5.21
N TYR A 234 3.59 9.31 -5.97
CA TYR A 234 3.81 10.09 -7.20
C TYR A 234 4.46 11.45 -6.82
N LEU A 235 3.86 12.12 -5.83
CA LEU A 235 4.43 13.40 -5.34
C LEU A 235 5.86 13.20 -4.86
N GLU A 236 6.11 12.08 -4.17
CA GLU A 236 7.46 11.85 -3.64
C GLU A 236 8.49 11.68 -4.76
N LEU A 237 8.13 10.98 -5.84
CA LEU A 237 9.08 10.82 -6.97
C LEU A 237 9.17 12.07 -7.86
N ASN A 238 8.13 12.92 -7.92
CA ASN A 238 8.09 13.96 -8.94
C ASN A 238 8.22 15.40 -8.41
N GLY A 239 7.94 15.59 -7.14
CA GLY A 239 7.95 16.94 -6.52
C GLY A 239 6.79 17.82 -6.97
N GLU A 240 5.84 17.24 -7.69
CA GLU A 240 4.62 17.90 -8.17
C GLU A 240 3.45 16.93 -7.97
N PRO A 241 2.29 17.45 -7.66
CA PRO A 241 1.12 16.59 -7.41
C PRO A 241 0.64 15.96 -8.69
N LEU A 242 0.10 14.75 -8.59
CA LEU A 242 -0.35 14.00 -9.75
C LEU A 242 -1.58 14.64 -10.44
N GLN A 243 -1.50 14.81 -11.76
CA GLN A 243 -2.65 15.26 -12.54
C GLN A 243 -3.44 14.03 -12.93
N ASP A 244 -4.51 13.78 -12.20
CA ASP A 244 -5.33 12.59 -12.44
C ASP A 244 -6.75 12.98 -12.82
N TYR A 245 -7.48 12.00 -13.32
CA TYR A 245 -8.92 12.17 -13.55
C TYR A 245 -9.67 11.46 -12.47
N THR A 246 -10.79 12.04 -12.02
CA THR A 246 -11.61 11.38 -11.01
C THR A 246 -13.10 11.35 -11.39
N LEU A 247 -13.70 10.17 -11.20
CA LEU A 247 -15.15 9.94 -11.37
C LEU A 247 -15.71 9.40 -10.07
N GLY A 248 -17.00 9.03 -10.13
CA GLY A 248 -17.73 8.57 -8.96
C GLY A 248 -18.34 9.71 -8.14
N LYS A 249 -19.29 9.37 -7.27
CA LYS A 249 -19.82 10.41 -6.38
C LYS A 249 -18.61 10.98 -5.61
N PRO A 250 -18.56 12.30 -5.36
CA PRO A 250 -19.52 13.37 -5.56
C PRO A 250 -19.34 14.12 -6.88
N THR A 251 -18.59 13.57 -7.84
CA THR A 251 -18.24 14.35 -9.04
C THR A 251 -19.41 14.72 -9.91
N LYS A 252 -19.30 15.89 -10.53
CA LYS A 252 -20.29 16.32 -11.52
C LYS A 252 -20.36 15.36 -12.71
N LEU A 253 -19.21 14.84 -13.14
CA LEU A 253 -19.19 13.88 -14.25
C LEU A 253 -20.11 12.72 -13.95
N THR A 254 -20.02 12.17 -12.75
CA THR A 254 -20.86 11.01 -12.45
C THR A 254 -22.33 11.42 -12.28
N TYR A 255 -22.62 12.51 -11.56
CA TYR A 255 -24.02 12.93 -11.41
C TYR A 255 -24.70 13.25 -12.75
N ASP A 256 -24.00 13.88 -13.68
CA ASP A 256 -24.63 14.17 -14.97
C ASP A 256 -24.95 12.84 -15.63
N PHE A 257 -24.01 11.91 -15.57
CA PHE A 257 -24.14 10.62 -16.21
C PHE A 257 -25.35 9.93 -15.61
N ALA A 258 -25.44 9.93 -14.28
CA ALA A 258 -26.56 9.28 -13.59
C ALA A 258 -27.88 9.94 -13.95
N HIS A 259 -27.85 11.25 -14.17
CA HIS A 259 -29.06 12.01 -14.42
C HIS A 259 -29.60 11.58 -15.76
N HIS A 260 -28.72 11.39 -16.74
CA HIS A 260 -29.16 10.89 -18.03
C HIS A 260 -29.78 9.52 -17.87
N VAL A 261 -29.14 8.66 -17.09
CA VAL A 261 -29.65 7.30 -16.92
C VAL A 261 -31.03 7.33 -16.26
N LEU A 262 -31.21 8.26 -15.34
CA LEU A 262 -32.44 8.39 -14.58
C LEU A 262 -33.53 8.88 -15.51
N ILE A 263 -33.16 9.79 -16.40
CA ILE A 263 -34.11 10.33 -17.36
C ILE A 263 -34.64 9.21 -18.24
N ASP A 264 -33.72 8.43 -18.77
CA ASP A 264 -34.08 7.40 -19.72
C ASP A 264 -34.87 6.28 -19.05
N TRP A 265 -34.45 5.86 -17.86
CA TRP A 265 -35.24 4.90 -17.10
C TRP A 265 -36.69 5.36 -16.90
N GLU A 266 -36.91 6.64 -16.61
CA GLU A 266 -38.27 7.10 -16.40
C GLU A 266 -39.06 7.04 -17.72
N LYS A 267 -38.40 7.29 -18.84
CA LYS A 267 -39.07 7.19 -20.14
C LYS A 267 -39.46 5.75 -20.45
N ARG A 268 -38.69 4.79 -19.94
CA ARG A 268 -38.99 3.37 -20.14
C ARG A 268 -40.06 2.88 -19.18
N LEU A 269 -40.04 3.44 -17.98
CA LEU A 269 -40.99 3.11 -16.94
C LEU A 269 -42.38 3.57 -17.35
N SER A 270 -42.45 4.77 -17.94
CA SER A 270 -43.71 5.32 -18.39
C SER A 270 -44.16 4.58 -19.65
N GLY A 271 -43.38 4.67 -20.72
CA GLY A 271 -43.74 4.00 -21.96
C GLY A 271 -43.30 4.74 -23.20
N LYS A 272 -42.73 5.92 -23.03
CA LYS A 272 -42.25 6.69 -24.16
C LYS A 272 -41.18 5.91 -24.93
N ILE A 273 -40.38 5.13 -24.20
CA ILE A 273 -39.37 4.26 -24.81
C ILE A 273 -39.77 2.80 -24.61
N GLY A 274 -39.60 1.99 -25.65
CA GLY A 274 -39.89 0.56 -25.54
C GLY A 274 -38.73 -0.19 -24.93
N GLN A 275 -39.03 -1.29 -24.24
CA GLN A 275 -37.97 -2.07 -23.58
C GLN A 275 -37.01 -2.65 -24.61
N SER A 276 -37.53 -2.97 -25.79
CA SER A 276 -36.72 -3.55 -26.86
C SER A 276 -35.54 -2.66 -27.25
N VAL A 277 -35.72 -1.35 -27.11
CA VAL A 277 -34.76 -0.37 -27.58
C VAL A 277 -33.44 -0.49 -26.85
N LYS A 278 -32.34 -0.45 -27.58
CA LYS A 278 -31.02 -0.44 -26.94
C LYS A 278 -30.75 0.97 -26.40
N GLN A 279 -30.21 1.06 -25.20
CA GLN A 279 -30.02 2.36 -24.56
C GLN A 279 -28.73 3.03 -25.03
N LYS A 280 -28.85 4.25 -25.55
CA LYS A 280 -27.68 4.96 -26.06
C LYS A 280 -26.80 5.39 -24.91
N LEU A 281 -25.50 5.30 -25.09
CA LEU A 281 -24.59 5.66 -24.03
C LEU A 281 -24.59 7.17 -23.90
N PRO A 282 -24.80 7.69 -22.68
CA PRO A 282 -24.56 9.11 -22.43
C PRO A 282 -23.09 9.44 -22.65
N LEU A 283 -22.76 10.40 -23.49
CA LEU A 283 -21.36 10.77 -23.69
C LEU A 283 -20.86 11.48 -22.43
N LEU A 284 -19.62 11.23 -22.03
CA LEU A 284 -19.10 11.77 -20.78
C LEU A 284 -19.00 13.29 -20.84
N GLY A 285 -19.29 13.94 -19.71
CA GLY A 285 -19.04 15.36 -19.54
C GLY A 285 -20.12 16.27 -20.07
N THR A 286 -21.29 15.73 -20.43
CA THR A 286 -22.37 16.55 -20.93
C THR A 286 -23.59 16.51 -20.02
N LYS A 287 -24.23 17.66 -19.82
CA LYS A 287 -25.41 17.72 -18.96
C LYS A 287 -26.68 17.37 -19.74
N PRO A 288 -27.69 16.81 -19.06
CA PRO A 288 -28.92 16.50 -19.82
C PRO A 288 -29.58 17.77 -20.35
N SER A 289 -30.11 17.69 -21.57
CA SER A 289 -30.76 18.85 -22.19
C SER A 289 -31.98 19.27 -21.38
N THR A 290 -32.64 18.29 -20.77
CA THR A 290 -33.85 18.53 -20.00
C THR A 290 -33.60 18.26 -18.51
N SER A 291 -34.64 18.45 -17.72
CA SER A 291 -34.61 18.12 -16.30
C SER A 291 -36.06 17.96 -15.85
N PRO A 292 -36.63 16.78 -16.09
CA PRO A 292 -38.06 16.51 -15.96
C PRO A 292 -38.53 16.15 -14.55
N PHE A 293 -37.63 16.13 -13.57
CA PHE A 293 -38.01 15.74 -12.20
C PHE A 293 -38.26 16.96 -11.30
N HIS A 294 -39.37 16.95 -10.57
CA HIS A 294 -39.59 17.99 -9.57
C HIS A 294 -38.50 17.94 -8.52
N ALA A 295 -38.13 16.72 -8.12
CA ALA A 295 -37.09 16.54 -7.12
C ALA A 295 -36.49 15.16 -7.29
N VAL A 296 -35.20 15.03 -7.05
CA VAL A 296 -34.56 13.74 -7.01
C VAL A 296 -33.94 13.67 -5.63
N PHE A 297 -34.19 12.58 -4.91
CA PHE A 297 -33.58 12.39 -3.60
C PHE A 297 -32.48 11.32 -3.61
N MET A 298 -31.25 11.76 -3.34
CA MET A 298 -30.11 10.87 -3.21
C MET A 298 -30.15 10.28 -1.82
N VAL A 299 -30.21 8.96 -1.69
CA VAL A 299 -30.27 8.35 -0.37
C VAL A 299 -28.91 7.70 -0.09
N GLY A 300 -28.13 8.25 0.84
CA GLY A 300 -26.76 7.77 1.03
C GLY A 300 -26.38 7.70 2.48
N ASP A 301 -25.24 7.06 2.80
CA ASP A 301 -24.78 6.94 4.17
C ASP A 301 -23.51 7.78 4.41
N ASN A 302 -22.96 8.37 3.34
CA ASN A 302 -21.64 9.01 3.45
C ASN A 302 -21.70 10.49 3.10
N PRO A 303 -21.57 11.37 4.11
CA PRO A 303 -21.72 12.78 3.83
C PRO A 303 -20.72 13.28 2.79
N ALA A 304 -19.52 12.70 2.77
CA ALA A 304 -18.43 13.19 1.92
C ALA A 304 -18.57 12.76 0.48
N SER A 305 -19.56 11.92 0.20
CA SER A 305 -19.73 11.42 -1.17
CA SER A 305 -19.74 11.37 -1.13
C SER A 305 -21.18 11.56 -1.64
N ASP A 306 -22.11 10.89 -0.96
CA ASP A 306 -23.52 10.95 -1.31
C ASP A 306 -24.11 12.34 -1.16
N ILE A 307 -23.91 12.96 0.01
CA ILE A 307 -24.69 14.13 0.36
C ILE A 307 -24.10 15.34 -0.35
N ILE A 308 -22.78 15.51 -0.24
CA ILE A 308 -22.15 16.67 -0.87
C ILE A 308 -22.30 16.53 -2.39
N GLY A 309 -22.29 15.29 -2.91
CA GLY A 309 -22.52 15.08 -4.33
C GLY A 309 -23.90 15.57 -4.79
N ALA A 310 -24.94 15.12 -4.13
CA ALA A 310 -26.29 15.53 -4.48
C ALA A 310 -26.41 17.04 -4.33
N GLN A 311 -25.86 17.56 -3.24
CA GLN A 311 -26.04 18.98 -2.92
C GLN A 311 -25.44 19.89 -3.99
N ASN A 312 -24.21 19.58 -4.39
CA ASN A 312 -23.52 20.31 -5.46
C ASN A 312 -24.22 20.17 -6.81
N TYR A 313 -24.91 19.04 -7.00
CA TYR A 313 -25.63 18.84 -8.25
C TYR A 313 -26.97 19.54 -8.28
N GLY A 314 -27.46 19.93 -7.11
CA GLY A 314 -28.78 20.52 -6.99
C GLY A 314 -29.86 19.48 -6.67
N TRP A 315 -29.48 18.30 -6.21
CA TRP A 315 -30.48 17.29 -5.83
C TRP A 315 -30.75 17.37 -4.34
N ASN A 316 -31.91 16.84 -3.92
CA ASN A 316 -32.21 16.64 -2.51
C ASN A 316 -31.49 15.40 -1.99
N SER A 317 -31.57 15.11 -0.69
CA SER A 317 -30.83 13.96 -0.12
C SER A 317 -31.38 13.47 1.21
N CYS A 318 -31.26 12.17 1.45
CA CYS A 318 -31.62 11.57 2.74
C CYS A 318 -30.36 10.92 3.24
N LEU A 319 -29.90 11.29 4.43
CA LEU A 319 -28.72 10.63 5.01
C LEU A 319 -29.21 9.59 6.00
N VAL A 320 -28.81 8.33 5.82
CA VAL A 320 -29.21 7.28 6.75
C VAL A 320 -28.12 6.98 7.77
N LYS A 321 -28.47 6.22 8.81
CA LYS A 321 -27.49 5.94 9.87
C LYS A 321 -26.97 4.50 9.81
N THR A 322 -27.29 3.76 8.74
CA THR A 322 -26.90 2.35 8.66
C THR A 322 -25.54 2.07 8.02
N GLY A 323 -24.77 3.10 7.74
CA GLY A 323 -23.46 2.91 7.13
C GLY A 323 -22.40 3.85 7.71
N VAL A 324 -21.76 4.62 6.87
CA VAL A 324 -20.57 5.38 7.26
C VAL A 324 -20.92 6.41 8.36
N TYR A 325 -22.04 7.08 8.25
CA TYR A 325 -22.43 8.13 9.22
C TYR A 325 -22.98 7.57 10.55
N ASN A 326 -22.57 8.19 11.66
CA ASN A 326 -23.13 7.89 12.98
C ASN A 326 -23.73 9.15 13.57
N GLU A 327 -24.84 9.01 14.28
CA GLU A 327 -25.49 10.15 14.91
C GLU A 327 -24.44 10.92 15.69
N GLY A 328 -24.35 12.22 15.49
CA GLY A 328 -23.40 13.00 16.24
C GLY A 328 -22.14 13.38 15.49
N ASP A 329 -21.85 12.69 14.39
CA ASP A 329 -20.71 13.06 13.54
C ASP A 329 -20.88 14.48 13.03
N ASP A 330 -19.81 15.24 12.87
CA ASP A 330 -20.08 16.57 12.35
C ASP A 330 -20.23 16.54 10.82
N LEU A 331 -21.19 17.31 10.36
CA LEU A 331 -21.45 17.49 8.94
C LEU A 331 -20.92 18.89 8.66
N LYS A 332 -19.60 18.99 8.59
CA LYS A 332 -18.91 20.28 8.58
C LYS A 332 -19.17 21.09 7.31
N GLU A 333 -19.96 20.55 6.39
CA GLU A 333 -20.31 21.29 5.17
C GLU A 333 -21.73 21.08 4.68
N CYS A 334 -22.08 19.82 4.39
CA CYS A 334 -23.31 19.52 3.69
C CYS A 334 -24.53 19.46 4.60
N LYS A 335 -25.69 19.64 3.98
CA LYS A 335 -26.96 19.72 4.68
C LYS A 335 -27.94 18.76 4.02
N PRO A 336 -28.03 17.53 4.55
CA PRO A 336 -29.02 16.58 4.05
C PRO A 336 -30.40 17.21 4.12
N THR A 337 -31.31 16.82 3.25
CA THR A 337 -32.70 17.30 3.34
C THR A 337 -33.36 16.64 4.55
N LEU A 338 -33.12 15.34 4.70
CA LEU A 338 -33.60 14.57 5.85
C LEU A 338 -32.44 13.76 6.40
N ILE A 339 -32.42 13.58 7.72
CA ILE A 339 -31.56 12.57 8.32
C ILE A 339 -32.49 11.60 8.97
N VAL A 340 -32.32 10.33 8.63
CA VAL A 340 -33.22 9.26 9.07
C VAL A 340 -32.46 8.00 9.44
N ASN A 341 -33.18 7.04 10.04
CA ASN A 341 -32.55 5.82 10.52
C ASN A 341 -32.04 4.92 9.42
N ASP A 342 -32.86 4.73 8.39
CA ASP A 342 -32.54 3.75 7.36
C ASP A 342 -33.23 4.06 6.04
N VAL A 343 -33.02 3.18 5.05
CA VAL A 343 -33.51 3.42 3.70
C VAL A 343 -35.05 3.39 3.63
N PHE A 344 -35.68 2.52 4.40
CA PHE A 344 -37.16 2.50 4.40
C PHE A 344 -37.74 3.78 4.99
N ASP A 345 -37.12 4.31 6.03
CA ASP A 345 -37.59 5.58 6.61
C ASP A 345 -37.32 6.71 5.63
N ALA A 346 -36.22 6.62 4.87
CA ALA A 346 -35.91 7.66 3.89
C ALA A 346 -37.00 7.70 2.83
N VAL A 347 -37.39 6.54 2.34
CA VAL A 347 -38.39 6.44 1.30
C VAL A 347 -39.76 6.89 1.81
N THR A 348 -40.17 6.37 2.96
CA THR A 348 -41.52 6.68 3.43
C THR A 348 -41.61 8.16 3.81
N LYS A 349 -40.61 8.68 4.51
CA LYS A 349 -40.64 10.10 4.92
C LYS A 349 -40.56 11.08 3.75
N THR A 350 -39.72 10.79 2.77
CA THR A 350 -39.64 11.63 1.57
C THR A 350 -40.96 11.66 0.80
N LEU A 351 -41.54 10.50 0.56
CA LEU A 351 -42.79 10.45 -0.19
C LEU A 351 -43.92 11.14 0.55
N GLU A 352 -43.95 10.97 1.86
CA GLU A 352 -45.05 11.49 2.65
C GLU A 352 -45.01 13.00 2.67
N LYS A 353 -43.82 13.56 2.42
CA LYS A 353 -43.62 15.00 2.57
C LYS A 353 -43.44 15.74 1.24
N TYR A 354 -42.74 15.13 0.27
CA TYR A 354 -42.36 15.86 -0.94
C TYR A 354 -43.12 15.39 -2.20
N ALA A 355 -43.70 14.19 -2.17
CA ALA A 355 -44.41 13.65 -3.31
C ALA A 355 -45.50 14.60 -3.79
N MET B 4 47.74 -2.34 -0.51
CA MET B 4 47.23 -3.22 -1.62
C MET B 4 48.23 -3.42 -2.77
N ILE B 5 48.41 -4.67 -3.19
CA ILE B 5 49.28 -5.04 -4.32
C ILE B 5 48.63 -6.15 -5.11
N GLY B 6 48.09 -5.81 -6.28
CA GLY B 6 47.38 -6.79 -7.09
C GLY B 6 46.18 -7.27 -6.31
N LYS B 7 46.16 -8.56 -5.98
CA LYS B 7 45.02 -9.16 -5.28
C LYS B 7 45.24 -9.28 -3.76
N ARG B 8 46.46 -9.00 -3.30
CA ARG B 8 46.84 -9.21 -1.91
C ARG B 8 46.76 -7.92 -1.10
N PHE B 9 46.46 -8.04 0.19
CA PHE B 9 46.56 -6.91 1.12
C PHE B 9 47.82 -7.03 1.99
N PHE B 10 48.36 -5.87 2.37
CA PHE B 10 49.57 -5.78 3.18
C PHE B 10 49.41 -4.73 4.24
N GLN B 11 49.33 -5.12 5.50
CA GLN B 11 49.12 -4.14 6.57
C GLN B 11 50.30 -3.14 6.60
N THR B 12 49.97 -1.85 6.64
CA THR B 12 50.99 -0.81 6.64
C THR B 12 51.11 -0.13 8.00
N THR B 13 50.02 -0.17 8.77
CA THR B 13 49.97 0.49 10.07
C THR B 13 49.22 -0.33 11.11
N SER B 14 49.32 0.10 12.36
CA SER B 14 48.56 -0.52 13.44
C SER B 14 47.17 0.12 13.55
N LYS B 15 46.94 1.20 12.80
CA LYS B 15 45.65 1.89 12.80
C LYS B 15 44.60 0.98 12.19
N LYS B 16 43.43 0.92 12.82
CA LYS B 16 42.42 -0.04 12.44
C LYS B 16 41.40 0.59 11.49
N ILE B 17 41.16 -0.05 10.36
CA ILE B 17 40.09 0.42 9.49
C ILE B 17 39.02 -0.67 9.47
N ALA B 18 37.76 -0.28 9.35
CA ALA B 18 36.66 -1.26 9.31
C ALA B 18 35.68 -0.88 8.24
N PHE B 19 34.83 -1.85 7.85
CA PHE B 19 33.82 -1.62 6.82
C PHE B 19 32.46 -1.99 7.37
N ALA B 20 31.43 -1.33 6.87
CA ALA B 20 30.05 -1.74 7.18
C ALA B 20 29.33 -1.81 5.84
N PHE B 21 28.88 -3.00 5.44
CA PHE B 21 28.28 -3.14 4.12
C PHE B 21 26.77 -3.20 4.15
N ALA B 22 26.11 -2.46 3.27
CA ALA B 22 24.72 -2.77 2.95
C ALA B 22 24.73 -4.10 2.16
N ILE B 23 23.56 -4.70 2.03
CA ILE B 23 23.48 -6.03 1.36
C ILE B 23 22.75 -5.85 0.04
N ASP B 24 21.48 -5.41 0.05
CA ASP B 24 20.77 -5.22 -1.23
C ASP B 24 21.42 -4.14 -2.09
N GLY B 25 21.69 -4.48 -3.34
CA GLY B 25 22.33 -3.54 -4.25
C GLY B 25 23.85 -3.41 -4.04
N VAL B 26 24.41 -4.13 -3.07
CA VAL B 26 25.86 -4.06 -2.77
C VAL B 26 26.49 -5.45 -2.83
N LEU B 27 25.96 -6.39 -2.03
CA LEU B 27 26.46 -7.77 -2.09
C LEU B 27 25.52 -8.69 -2.90
N PHE B 28 24.24 -8.37 -2.94
CA PHE B 28 23.24 -9.19 -3.67
C PHE B 28 22.26 -8.35 -4.44
N ARG B 29 21.64 -8.95 -5.47
CA ARG B 29 20.34 -8.46 -5.94
C ARG B 29 19.39 -9.63 -5.72
N GLY B 30 18.45 -9.50 -4.80
CA GLY B 30 17.62 -10.64 -4.44
C GLY B 30 18.47 -11.72 -3.78
N LYS B 31 18.38 -12.98 -4.27
CA LYS B 31 19.15 -14.06 -3.68
C LYS B 31 20.44 -14.30 -4.46
N LYS B 32 20.68 -13.51 -5.50
CA LYS B 32 21.85 -13.70 -6.37
C LYS B 32 23.01 -12.79 -5.98
N PRO B 33 24.16 -13.37 -5.65
CA PRO B 33 25.34 -12.54 -5.37
C PRO B 33 25.71 -11.58 -6.52
N ILE B 34 26.12 -10.35 -6.18
CA ILE B 34 26.73 -9.44 -7.14
C ILE B 34 28.15 -9.87 -7.44
N ALA B 35 28.53 -9.78 -8.69
CA ALA B 35 29.88 -10.18 -9.06
C ALA B 35 30.89 -9.42 -8.22
N GLY B 36 31.90 -10.15 -7.71
CA GLY B 36 32.93 -9.49 -6.90
C GLY B 36 32.62 -9.40 -5.40
N ALA B 37 31.35 -9.62 -5.02
CA ALA B 37 30.96 -9.55 -3.60
C ALA B 37 31.66 -10.62 -2.77
N SER B 38 31.66 -11.86 -3.27
CA SER B 38 32.39 -12.91 -2.58
C SER B 38 33.87 -12.57 -2.48
N ASP B 39 34.48 -12.11 -3.57
CA ASP B 39 35.92 -11.82 -3.55
C ASP B 39 36.22 -10.73 -2.53
N ALA B 40 35.30 -9.75 -2.42
CA ALA B 40 35.46 -8.61 -1.51
C ALA B 40 35.48 -9.06 -0.06
N LEU B 41 34.54 -9.89 0.35
CA LEU B 41 34.55 -10.35 1.74
C LEU B 41 35.64 -11.37 2.00
N LYS B 42 35.96 -12.21 1.02
CA LYS B 42 37.10 -13.12 1.18
C LYS B 42 38.39 -12.37 1.48
N LEU B 43 38.59 -11.22 0.83
CA LEU B 43 39.80 -10.46 1.05
C LEU B 43 39.85 -9.96 2.48
N LEU B 44 38.73 -9.44 2.97
CA LEU B 44 38.69 -8.97 4.36
C LEU B 44 38.90 -10.12 5.35
N ASN B 45 38.21 -11.25 5.13
CA ASN B 45 38.37 -12.38 6.05
C ASN B 45 39.83 -12.85 6.11
N ARG B 46 40.43 -12.99 4.94
CA ARG B 46 41.82 -13.44 4.78
C ARG B 46 42.74 -12.60 5.67
N ASN B 47 42.46 -11.30 5.76
CA ASN B 47 43.37 -10.34 6.43
C ASN B 47 42.84 -9.84 7.78
N LYS B 48 41.80 -10.50 8.27
CA LYS B 48 41.20 -10.21 9.57
C LYS B 48 40.93 -8.72 9.71
N ILE B 49 40.32 -8.16 8.67
CA ILE B 49 39.85 -6.78 8.71
C ILE B 49 38.41 -6.84 9.17
N PRO B 50 38.07 -6.11 10.24
CA PRO B 50 36.72 -6.19 10.82
C PRO B 50 35.67 -5.58 9.90
N TYR B 51 34.52 -6.24 9.74
CA TYR B 51 33.41 -5.60 9.06
C TYR B 51 32.11 -6.11 9.65
N ILE B 52 31.05 -5.32 9.46
CA ILE B 52 29.71 -5.81 9.76
C ILE B 52 28.87 -5.68 8.51
N LEU B 53 27.72 -6.35 8.52
CA LEU B 53 26.72 -6.12 7.49
C LEU B 53 25.64 -5.28 8.16
N LEU B 54 25.36 -4.11 7.62
CA LEU B 54 24.40 -3.19 8.24
C LEU B 54 23.34 -2.99 7.17
N THR B 55 22.20 -3.64 7.31
CA THR B 55 21.23 -3.71 6.24
C THR B 55 19.87 -3.27 6.76
N ASN B 56 19.14 -2.57 5.89
CA ASN B 56 17.76 -2.23 6.23
C ASN B 56 16.77 -3.34 5.75
N GLY B 57 17.34 -4.46 5.30
CA GLY B 57 16.54 -5.65 5.00
C GLY B 57 16.25 -6.37 6.31
N GLY B 58 15.53 -7.48 6.23
CA GLY B 58 15.14 -8.20 7.42
C GLY B 58 14.02 -9.19 7.09
N GLY B 59 13.59 -9.94 8.10
CA GLY B 59 12.49 -10.86 7.93
C GLY B 59 12.78 -12.18 8.62
N PHE B 60 14.07 -12.55 8.68
CA PHE B 60 14.48 -13.78 9.36
C PHE B 60 15.45 -13.50 10.48
N SER B 61 15.77 -14.53 11.22
CA SER B 61 16.72 -14.35 12.33
C SER B 61 18.11 -13.95 11.80
N GLU B 62 18.92 -13.33 12.67
CA GLU B 62 20.26 -12.94 12.25
C GLU B 62 21.04 -14.18 11.80
N ARG B 63 20.94 -15.28 12.56
CA ARG B 63 21.68 -16.50 12.23
C ARG B 63 21.24 -17.05 10.89
N ALA B 64 19.93 -17.14 10.67
CA ALA B 64 19.44 -17.64 9.39
C ALA B 64 19.93 -16.80 8.21
N ARG B 65 19.90 -15.48 8.37
CA ARG B 65 20.30 -14.63 7.26
C ARG B 65 21.83 -14.74 7.01
N THR B 66 22.66 -14.79 8.07
CA THR B 66 24.12 -14.85 7.82
C THR B 66 24.53 -16.25 7.34
N GLU B 67 23.82 -17.28 7.75
CA GLU B 67 24.12 -18.63 7.22
C GLU B 67 23.84 -18.68 5.73
N PHE B 68 22.70 -18.14 5.34
CA PHE B 68 22.42 -18.04 3.89
C PHE B 68 23.49 -17.26 3.16
N ILE B 69 23.86 -16.09 3.66
CA ILE B 69 24.87 -15.28 2.98
C ILE B 69 26.23 -16.01 2.92
N SER B 70 26.60 -16.65 4.03
CA SER B 70 27.85 -17.43 4.08
C SER B 70 27.85 -18.48 2.97
N SER B 71 26.75 -19.21 2.82
CA SER B 71 26.74 -20.30 1.82
C SER B 71 26.80 -19.72 0.40
N LYS B 72 26.07 -18.65 0.14
CA LYS B 72 26.06 -18.07 -1.21
C LYS B 72 27.39 -17.43 -1.60
N LEU B 73 28.05 -16.74 -0.66
CA LEU B 73 29.32 -16.07 -0.95
C LEU B 73 30.57 -16.92 -0.66
N ASP B 74 30.38 -18.14 -0.20
CA ASP B 74 31.49 -19.04 0.11
C ASP B 74 32.48 -18.40 1.07
N VAL B 75 31.97 -17.72 2.10
CA VAL B 75 32.81 -17.07 3.10
CA VAL B 75 32.81 -17.08 3.12
C VAL B 75 32.10 -17.15 4.44
N ASP B 76 32.85 -17.16 5.52
CA ASP B 76 32.24 -17.27 6.84
C ASP B 76 31.82 -15.90 7.32
N VAL B 77 30.49 -15.70 7.47
CA VAL B 77 29.97 -14.48 8.11
C VAL B 77 29.27 -14.94 9.39
N SER B 78 29.65 -14.36 10.53
CA SER B 78 29.06 -14.75 11.80
C SER B 78 27.72 -14.05 11.99
N PRO B 79 26.77 -14.67 12.72
CA PRO B 79 25.54 -13.97 13.07
C PRO B 79 25.86 -12.71 13.90
N LEU B 80 27.04 -12.65 14.51
CA LEU B 80 27.40 -11.49 15.32
C LEU B 80 27.76 -10.29 14.46
N GLN B 81 27.94 -10.50 13.15
CA GLN B 81 28.36 -9.42 12.26
C GLN B 81 27.23 -8.67 11.60
N ILE B 82 25.98 -9.10 11.79
CA ILE B 82 24.88 -8.46 11.06
C ILE B 82 23.98 -7.61 11.99
N ILE B 83 23.55 -6.45 11.49
CA ILE B 83 22.45 -5.66 12.09
C ILE B 83 21.43 -5.49 10.99
N GLN B 84 20.25 -6.08 11.16
CA GLN B 84 19.18 -5.93 10.22
C GLN B 84 18.26 -4.81 10.70
N SER B 85 17.29 -4.45 9.87
CA SER B 85 16.45 -3.29 10.24
C SER B 85 15.89 -3.45 11.64
N HIS B 86 15.34 -4.61 11.91
CA HIS B 86 14.65 -4.88 13.17
C HIS B 86 15.51 -5.39 14.30
N THR B 87 16.82 -5.54 14.10
CA THR B 87 17.67 -6.09 15.18
C THR B 87 17.59 -5.22 16.46
N PRO B 88 17.59 -3.89 16.33
CA PRO B 88 17.47 -3.11 17.58
C PRO B 88 16.11 -3.26 18.31
N TYR B 89 15.08 -3.86 17.69
CA TYR B 89 13.85 -4.15 18.42
C TYR B 89 14.10 -5.09 19.58
N LYS B 90 15.22 -5.83 19.55
CA LYS B 90 15.58 -6.67 20.71
C LYS B 90 15.56 -5.83 21.99
N SER B 91 15.82 -4.55 21.89
CA SER B 91 15.98 -3.75 23.10
C SER B 91 14.62 -3.16 23.55
N LEU B 92 13.55 -3.50 22.85
CA LEU B 92 12.19 -3.07 23.23
C LEU B 92 11.41 -4.16 23.96
N VAL B 93 12.02 -5.33 24.19
CA VAL B 93 11.24 -6.48 24.67
C VAL B 93 10.66 -6.24 26.08
N ASN B 94 11.31 -5.41 26.89
CA ASN B 94 10.79 -5.21 28.25
C ASN B 94 9.84 -4.02 28.38
N LYS B 95 9.58 -3.39 27.24
CA LYS B 95 8.83 -2.14 27.17
C LYS B 95 7.39 -2.38 26.76
N TYR B 96 7.21 -3.33 25.83
CA TYR B 96 5.89 -3.61 25.25
C TYR B 96 5.49 -5.08 25.41
N SER B 97 4.46 -5.37 26.18
CA SER B 97 4.10 -6.76 26.46
C SER B 97 3.54 -7.45 25.23
N ARG B 98 2.52 -6.84 24.63
CA ARG B 98 1.90 -7.37 23.40
C ARG B 98 2.21 -6.45 22.24
N ILE B 99 2.75 -6.97 21.15
CA ILE B 99 3.01 -6.14 19.99
C ILE B 99 2.27 -6.66 18.79
N LEU B 100 1.87 -5.76 17.92
CA LEU B 100 1.48 -6.16 16.59
C LEU B 100 2.81 -6.16 15.80
N ALA B 101 3.28 -7.33 15.41
CA ALA B 101 4.54 -7.42 14.68
C ALA B 101 4.22 -7.49 13.21
N VAL B 102 4.44 -6.40 12.49
CA VAL B 102 4.06 -6.33 11.09
C VAL B 102 5.21 -6.70 10.18
N GLY B 103 4.94 -7.53 9.17
CA GLY B 103 5.98 -7.92 8.25
C GLY B 103 5.56 -9.18 7.53
N THR B 104 6.51 -9.82 6.83
CA THR B 104 6.20 -11.13 6.30
C THR B 104 5.92 -12.07 7.50
N PRO B 105 5.29 -13.23 7.26
CA PRO B 105 4.93 -14.09 8.41
C PRO B 105 6.16 -14.57 9.20
N SER B 106 7.33 -14.61 8.59
CA SER B 106 8.53 -15.02 9.32
C SER B 106 8.87 -14.06 10.45
N VAL B 107 8.32 -12.85 10.42
CA VAL B 107 8.68 -11.91 11.55
C VAL B 107 8.07 -12.36 12.88
N ARG B 108 7.04 -13.21 12.83
CA ARG B 108 6.49 -13.68 14.11
C ARG B 108 7.60 -14.40 14.85
N GLY B 109 8.22 -15.38 14.18
CA GLY B 109 9.29 -16.18 14.80
C GLY B 109 10.47 -15.30 15.24
N VAL B 110 10.81 -14.31 14.43
CA VAL B 110 11.92 -13.40 14.79
C VAL B 110 11.60 -12.68 16.10
N ALA B 111 10.39 -12.16 16.19
CA ALA B 111 9.97 -11.38 17.36
C ALA B 111 9.92 -12.28 18.59
N GLU B 112 9.38 -13.49 18.45
CA GLU B 112 9.33 -14.38 19.59
C GLU B 112 10.74 -14.74 20.02
N GLY B 113 11.63 -14.88 19.05
CA GLY B 113 13.01 -15.24 19.31
C GLY B 113 13.72 -14.14 20.07
N TYR B 114 13.36 -12.89 19.78
CA TYR B 114 13.94 -11.75 20.50
C TYR B 114 13.49 -11.73 21.97
N GLY B 115 12.35 -12.36 22.26
CA GLY B 115 11.88 -12.37 23.64
C GLY B 115 10.59 -11.64 23.92
N PHE B 116 9.90 -11.11 22.90
CA PHE B 116 8.62 -10.46 23.13
C PHE B 116 7.61 -11.40 23.73
N GLN B 117 6.86 -10.94 24.73
CA GLN B 117 5.97 -11.80 25.50
C GLN B 117 4.75 -12.30 24.70
N ASP B 118 4.19 -11.46 23.83
CA ASP B 118 2.87 -11.74 23.28
C ASP B 118 2.89 -11.13 21.89
N VAL B 119 3.23 -11.94 20.89
CA VAL B 119 3.40 -11.44 19.53
C VAL B 119 2.16 -11.77 18.71
N VAL B 120 1.61 -10.74 18.06
CA VAL B 120 0.44 -10.94 17.19
C VAL B 120 0.87 -10.47 15.80
N HIS B 121 0.68 -11.29 14.78
CA HIS B 121 1.05 -10.92 13.43
C HIS B 121 -0.19 -10.33 12.76
N GLN B 122 -0.04 -9.49 11.73
CA GLN B 122 -1.26 -8.88 11.19
C GLN B 122 -2.16 -9.90 10.54
N THR B 123 -1.63 -11.02 10.07
CA THR B 123 -2.54 -12.04 9.49
C THR B 123 -3.43 -12.68 10.57
N ASP B 124 -3.04 -12.61 11.85
CA ASP B 124 -3.87 -13.19 12.90
C ASP B 124 -5.19 -12.43 13.03
N ILE B 125 -5.14 -11.14 12.71
CA ILE B 125 -6.34 -10.30 12.79
C ILE B 125 -7.24 -10.59 11.57
N VAL B 126 -6.65 -10.77 10.39
CA VAL B 126 -7.43 -11.17 9.21
C VAL B 126 -8.09 -12.52 9.52
N ARG B 127 -7.33 -13.43 10.10
CA ARG B 127 -7.88 -14.76 10.40
C ARG B 127 -9.09 -14.65 11.34
N TYR B 128 -8.97 -13.75 12.32
CA TYR B 128 -9.97 -13.58 13.37
C TYR B 128 -11.25 -13.03 12.73
N ASN B 129 -11.13 -12.12 11.78
CA ASN B 129 -12.32 -11.54 11.12
C ASN B 129 -11.99 -10.98 9.76
N ARG B 130 -12.35 -11.71 8.70
CA ARG B 130 -11.98 -11.34 7.34
C ARG B 130 -12.49 -9.95 6.99
N ASP B 131 -13.61 -9.57 7.59
CA ASP B 131 -14.23 -8.31 7.22
C ASP B 131 -13.44 -7.11 7.76
N ILE B 132 -12.50 -7.33 8.65
CA ILE B 132 -11.61 -6.23 9.05
C ILE B 132 -10.77 -5.75 7.88
N ALA B 133 -10.41 -6.65 6.99
CA ALA B 133 -9.54 -6.29 5.86
C ALA B 133 -10.19 -6.68 4.53
N PRO B 134 -11.15 -5.85 4.07
CA PRO B 134 -11.95 -6.27 2.90
C PRO B 134 -11.12 -6.46 1.64
N PHE B 135 -9.94 -5.85 1.58
CA PHE B 135 -9.09 -5.92 0.38
C PHE B 135 -7.85 -6.80 0.60
N SER B 136 -7.89 -7.66 1.62
CA SER B 136 -6.84 -8.66 1.77
C SER B 136 -6.83 -9.59 0.58
N GLY B 137 -5.62 -9.86 0.05
CA GLY B 137 -5.43 -10.90 -0.98
C GLY B 137 -5.19 -12.31 -0.46
N LEU B 138 -5.23 -12.54 0.84
CA LEU B 138 -4.83 -13.86 1.37
C LEU B 138 -5.77 -14.94 0.89
N SER B 139 -5.22 -16.00 0.30
CA SER B 139 -6.05 -17.15 -0.04
C SER B 139 -6.30 -17.92 1.23
N ASP B 140 -7.21 -18.88 1.19
CA ASP B 140 -7.43 -19.68 2.38
C ASP B 140 -6.17 -20.42 2.78
N GLU B 141 -5.41 -20.92 1.79
CA GLU B 141 -4.21 -21.68 2.12
C GLU B 141 -3.22 -20.74 2.82
N GLN B 142 -3.11 -19.51 2.31
CA GLN B 142 -2.20 -18.56 2.94
C GLN B 142 -2.62 -18.25 4.39
N VAL B 143 -3.90 -18.06 4.63
CA VAL B 143 -4.36 -17.76 6.00
C VAL B 143 -3.97 -18.91 6.90
N MET B 144 -4.19 -20.17 6.44
CA MET B 144 -3.87 -21.34 7.30
C MET B 144 -2.35 -21.40 7.62
N GLU B 145 -1.49 -21.06 6.63
CA GLU B 145 -0.04 -21.21 6.79
C GLU B 145 0.49 -20.07 7.68
N TYR B 146 -0.02 -18.87 7.43
CA TYR B 146 0.62 -17.67 8.00
C TYR B 146 0.16 -17.36 9.42
N SER B 147 -1.10 -17.66 9.73
CA SER B 147 -1.77 -17.05 10.88
C SER B 147 -2.02 -18.08 12.00
N ARG B 148 -2.39 -17.59 13.18
CA ARG B 148 -2.62 -18.44 14.35
CA ARG B 148 -2.63 -18.47 14.33
C ARG B 148 -3.84 -17.90 15.09
N ASP B 149 -4.54 -18.76 15.83
CA ASP B 149 -5.55 -18.27 16.79
C ASP B 149 -4.77 -17.70 17.94
N ILE B 150 -5.15 -16.52 18.38
CA ILE B 150 -4.44 -15.84 19.46
C ILE B 150 -5.35 -15.71 20.68
N PRO B 151 -4.88 -16.20 21.87
CA PRO B 151 -5.67 -16.03 23.09
C PRO B 151 -5.80 -14.57 23.51
N ASP B 152 -7.01 -14.20 23.92
CA ASP B 152 -7.26 -12.88 24.44
C ASP B 152 -7.00 -11.86 23.34
N LEU B 153 -7.26 -12.21 22.09
CA LEU B 153 -6.99 -11.27 21.00
C LEU B 153 -7.79 -9.98 21.23
N THR B 154 -9.04 -10.08 21.70
CA THR B 154 -9.92 -8.92 21.72
C THR B 154 -10.08 -8.34 23.13
N THR B 155 -9.47 -8.96 24.12
CA THR B 155 -9.66 -8.52 25.51
C THR B 155 -8.39 -7.96 26.18
N LYS B 156 -7.27 -8.01 25.49
CA LYS B 156 -6.00 -7.52 26.02
C LYS B 156 -5.47 -6.44 25.09
N LYS B 157 -5.07 -5.31 25.63
CA LYS B 157 -4.67 -4.24 24.76
C LYS B 157 -3.37 -4.59 24.04
N PHE B 158 -3.23 -4.07 22.84
CA PHE B 158 -1.94 -4.02 22.15
C PHE B 158 -1.13 -2.87 22.75
N ASP B 159 0.18 -3.09 22.92
CA ASP B 159 1.05 -2.07 23.54
C ASP B 159 1.91 -1.29 22.54
N ALA B 160 2.21 -1.88 21.36
CA ALA B 160 2.91 -1.13 20.32
C ALA B 160 2.71 -1.81 18.97
N VAL B 161 2.91 -1.04 17.90
CA VAL B 161 3.02 -1.64 16.53
C VAL B 161 4.50 -1.59 16.14
N LEU B 162 5.09 -2.74 15.82
CA LEU B 162 6.49 -2.74 15.40
C LEU B 162 6.59 -3.29 13.97
N VAL B 163 6.99 -2.43 13.02
CA VAL B 163 7.10 -2.90 11.64
C VAL B 163 8.51 -3.48 11.47
N PHE B 164 8.59 -4.81 11.33
CA PHE B 164 9.89 -5.50 11.26
C PHE B 164 10.40 -5.44 9.82
N ASN B 165 9.52 -5.71 8.86
CA ASN B 165 9.96 -5.61 7.44
C ASN B 165 8.73 -5.33 6.58
N ASP B 166 8.88 -5.32 5.26
CA ASP B 166 7.70 -5.00 4.43
C ASP B 166 6.77 -6.19 4.36
N PRO B 167 5.50 -5.98 4.72
CA PRO B 167 4.56 -7.08 4.63
C PRO B 167 4.09 -7.19 3.19
N HIS B 168 3.43 -8.29 2.86
CA HIS B 168 3.08 -8.52 1.49
C HIS B 168 1.54 -8.55 1.26
N ASP B 169 0.76 -7.68 1.89
CA ASP B 169 -0.69 -7.67 1.60
C ASP B 169 -1.17 -6.26 2.04
N TRP B 170 -0.62 -5.24 1.41
CA TRP B 170 -0.69 -3.90 2.03
C TRP B 170 -2.10 -3.36 2.30
N ALA B 171 -3.13 -3.73 1.53
CA ALA B 171 -4.46 -3.18 1.92
C ALA B 171 -4.90 -3.64 3.28
N ALA B 172 -4.59 -4.89 3.61
CA ALA B 172 -4.88 -5.38 4.94
C ALA B 172 -3.89 -4.80 5.97
N ASP B 173 -2.60 -4.84 5.64
CA ASP B 173 -1.57 -4.38 6.59
C ASP B 173 -1.82 -2.92 7.01
N ILE B 174 -2.07 -2.06 6.01
CA ILE B 174 -2.32 -0.64 6.31
C ILE B 174 -3.63 -0.45 7.08
N GLN B 175 -4.67 -1.18 6.71
CA GLN B 175 -5.94 -1.06 7.44
C GLN B 175 -5.81 -1.45 8.90
N ILE B 176 -5.09 -2.53 9.14
CA ILE B 176 -4.91 -3.06 10.49
C ILE B 176 -4.00 -2.18 11.34
N ILE B 177 -2.95 -1.65 10.74
CA ILE B 177 -2.10 -0.70 11.46
C ILE B 177 -2.94 0.53 11.79
N SER B 178 -3.63 1.07 10.79
CA SER B 178 -4.44 2.26 11.08
C SER B 178 -5.45 2.02 12.21
N ASP B 179 -6.09 0.84 12.23
CA ASP B 179 -7.03 0.51 13.32
C ASP B 179 -6.35 0.62 14.68
N ALA B 180 -5.13 0.10 14.78
CA ALA B 180 -4.44 0.05 16.06
C ALA B 180 -4.07 1.43 16.51
N ILE B 181 -3.55 2.23 15.60
CA ILE B 181 -3.04 3.55 16.03
C ILE B 181 -4.15 4.56 16.17
N ASN B 182 -5.38 4.21 15.77
CA ASN B 182 -6.55 5.07 16.04
C ASN B 182 -7.53 4.41 17.00
N SER B 183 -7.09 3.33 17.67
CA SER B 183 -7.97 2.61 18.55
C SER B 183 -8.24 3.34 19.87
N GLU B 184 -9.13 2.76 20.68
CA GLU B 184 -9.30 3.21 22.07
C GLU B 184 -8.26 2.46 22.90
N ASN B 185 -7.12 3.09 23.15
CA ASN B 185 -6.09 2.58 24.05
C ASN B 185 -5.62 1.17 23.64
N GLY B 186 -5.51 0.97 22.34
CA GLY B 186 -4.97 -0.31 21.83
C GLY B 186 -5.88 -1.53 21.86
N MET B 187 -7.17 -1.36 22.20
CA MET B 187 -8.11 -2.48 22.13
C MET B 187 -8.59 -2.75 20.68
N LEU B 188 -8.51 -3.99 20.23
CA LEU B 188 -9.02 -4.34 18.93
C LEU B 188 -10.51 -4.01 18.89
N ASN B 189 -11.00 -3.73 17.67
CA ASN B 189 -12.41 -3.47 17.40
C ASN B 189 -12.90 -2.18 18.06
N THR B 190 -12.01 -1.23 18.27
CA THR B 190 -12.41 0.08 18.84
C THR B 190 -11.84 1.22 18.01
N LEU B 191 -12.46 2.39 18.17
CA LEU B 191 -12.05 3.59 17.46
C LEU B 191 -12.23 4.78 18.40
N ARG B 192 -11.19 5.59 18.54
CA ARG B 192 -11.22 6.67 19.52
C ARG B 192 -12.02 7.86 19.00
N ASN B 193 -12.54 8.70 19.90
CA ASN B 193 -13.35 9.84 19.48
C ASN B 193 -12.52 11.05 19.08
N GLU B 194 -11.32 11.14 19.63
CA GLU B 194 -10.57 12.40 19.60
C GLU B 194 -9.37 12.28 18.66
N LYS B 195 -9.22 13.25 17.76
CA LYS B 195 -8.06 13.28 16.85
C LYS B 195 -6.80 13.80 17.55
N SER B 196 -5.65 13.29 17.12
CA SER B 196 -4.36 13.62 17.72
C SER B 196 -3.21 13.24 16.78
N GLY B 197 -2.08 13.96 16.88
CA GLY B 197 -0.85 13.51 16.26
C GLY B 197 -0.24 12.35 17.02
N LYS B 198 -0.71 12.11 18.24
CA LYS B 198 -0.16 11.01 19.02
C LYS B 198 -0.99 9.76 18.81
N PRO B 199 -0.37 8.70 18.29
CA PRO B 199 -1.13 7.48 17.99
C PRO B 199 -1.58 6.82 19.29
N SER B 200 -2.61 6.00 19.21
CA SER B 200 -3.17 5.40 20.42
C SER B 200 -2.16 4.53 21.14
N ILE B 201 -1.34 3.81 20.38
CA ILE B 201 -0.19 3.11 20.92
C ILE B 201 0.99 3.47 20.05
N PRO B 202 2.22 3.31 20.57
CA PRO B 202 3.37 3.75 19.75
C PRO B 202 3.57 2.91 18.51
N ILE B 203 4.14 3.51 17.47
CA ILE B 203 4.43 2.73 16.22
C ILE B 203 5.86 2.98 15.79
N TYR B 204 6.58 1.91 15.50
CA TYR B 204 7.99 1.96 15.09
C TYR B 204 8.09 1.47 13.66
N PHE B 205 8.85 2.18 12.83
CA PHE B 205 9.21 1.69 11.52
C PHE B 205 10.71 1.38 11.57
N SER B 206 11.15 0.27 10.95
CA SER B 206 12.57 -0.08 11.01
C SER B 206 13.36 0.26 9.77
N ASN B 207 12.75 0.89 8.78
CA ASN B 207 13.43 1.18 7.53
C ASN B 207 12.68 2.29 6.81
N GLN B 208 13.29 3.45 6.60
CA GLN B 208 12.66 4.54 5.82
C GLN B 208 13.10 4.60 4.35
N ASP B 209 13.64 3.51 3.81
CA ASP B 209 14.08 3.52 2.42
C ASP B 209 12.88 3.65 1.48
N LEU B 210 12.81 4.75 0.75
CA LEU B 210 11.76 4.87 -0.23
C LEU B 210 11.97 3.84 -1.32
N LEU B 211 13.21 3.63 -1.72
CA LEU B 211 13.54 2.72 -2.86
C LEU B 211 14.60 1.74 -2.47
N TRP B 212 14.63 0.60 -3.16
CA TRP B 212 15.70 -0.34 -2.98
C TRP B 212 15.89 -1.14 -4.26
N ALA B 213 17.03 -1.84 -4.37
CA ALA B 213 17.35 -2.55 -5.60
C ALA B 213 17.14 -4.07 -5.40
N ASN B 214 16.17 -4.67 -6.09
CA ASN B 214 15.99 -6.11 -6.05
C ASN B 214 16.48 -6.65 -7.43
N PRO B 215 16.11 -7.89 -7.85
CA PRO B 215 16.60 -8.36 -9.12
C PRO B 215 16.17 -7.52 -10.32
N TYR B 216 15.05 -6.81 -10.21
CA TYR B 216 14.49 -6.12 -11.37
C TYR B 216 15.36 -4.93 -11.73
N LYS B 217 15.32 -4.49 -12.98
CA LYS B 217 16.24 -3.40 -13.42
C LYS B 217 15.82 -2.04 -12.89
N LEU B 218 14.59 -1.90 -12.39
CA LEU B 218 14.18 -0.58 -11.92
C LEU B 218 14.06 -0.58 -10.39
N ASN B 219 14.43 0.50 -9.72
CA ASN B 219 14.27 0.50 -8.24
C ASN B 219 12.84 0.30 -7.83
N ARG B 220 12.65 -0.46 -6.76
CA ARG B 220 11.29 -0.79 -6.26
C ARG B 220 11.04 0.00 -4.94
N PHE B 221 9.76 0.24 -4.63
CA PHE B 221 9.45 0.88 -3.34
C PHE B 221 9.78 -0.07 -2.19
N GLY B 222 10.26 0.53 -1.08
CA GLY B 222 10.53 -0.24 0.10
C GLY B 222 9.69 0.23 1.29
N GLN B 223 10.15 -0.09 2.49
CA GLN B 223 9.35 0.18 3.70
C GLN B 223 9.18 1.71 3.91
N GLY B 224 10.15 2.52 3.49
CA GLY B 224 9.97 3.97 3.61
C GLY B 224 8.70 4.39 2.86
N ALA B 225 8.43 3.75 1.73
CA ALA B 225 7.21 4.07 0.99
C ALA B 225 5.99 3.61 1.79
N PHE B 226 6.01 2.37 2.29
CA PHE B 226 4.94 1.87 3.18
C PHE B 226 4.68 2.89 4.31
N ARG B 227 5.75 3.38 4.95
CA ARG B 227 5.64 4.34 6.07
C ARG B 227 4.93 5.58 5.57
N LEU B 228 5.34 6.10 4.40
CA LEU B 228 4.67 7.31 3.87
C LEU B 228 3.18 7.09 3.68
N LEU B 229 2.80 5.86 3.33
CA LEU B 229 1.37 5.55 3.10
C LEU B 229 0.58 5.53 4.42
N VAL B 230 1.09 4.78 5.40
CA VAL B 230 0.50 4.79 6.76
C VAL B 230 0.36 6.23 7.27
N ARG B 231 1.41 7.00 7.09
CA ARG B 231 1.41 8.40 7.58
C ARG B 231 0.36 9.23 6.83
N ARG B 232 0.23 9.03 5.53
CA ARG B 232 -0.75 9.81 4.78
C ARG B 232 -2.18 9.57 5.28
N LEU B 233 -2.52 8.31 5.53
CA LEU B 233 -3.89 8.04 5.99
C LEU B 233 -4.07 8.47 7.46
N TYR B 234 -3.01 8.41 8.25
CA TYR B 234 -3.12 8.90 9.63
C TYR B 234 -3.42 10.39 9.62
N LEU B 235 -2.71 11.13 8.79
CA LEU B 235 -2.93 12.57 8.67
C LEU B 235 -4.37 12.83 8.17
N GLU B 236 -4.83 12.07 7.18
CA GLU B 236 -6.18 12.34 6.68
C GLU B 236 -7.23 12.15 7.76
N LEU B 237 -7.05 11.14 8.61
CA LEU B 237 -8.03 10.93 9.71
C LEU B 237 -7.89 11.88 10.93
N ASN B 238 -6.67 12.37 11.21
CA ASN B 238 -6.42 13.17 12.44
C ASN B 238 -6.14 14.66 12.23
N GLY B 239 -5.76 15.02 11.01
CA GLY B 239 -5.40 16.38 10.71
C GLY B 239 -4.10 16.83 11.37
N GLU B 240 -3.32 15.89 11.92
CA GLU B 240 -1.97 16.19 12.45
C GLU B 240 -1.09 15.05 11.97
N PRO B 241 0.18 15.34 11.67
CA PRO B 241 1.09 14.27 11.24
C PRO B 241 1.34 13.28 12.35
N LEU B 242 1.61 12.03 11.96
CA LEU B 242 1.80 10.95 12.91
C LEU B 242 3.11 11.08 13.68
N GLN B 243 3.05 10.92 15.01
CA GLN B 243 4.28 10.92 15.82
C GLN B 243 4.69 9.44 15.89
N ASP B 244 5.69 9.07 15.10
CA ASP B 244 6.21 7.69 15.10
C ASP B 244 7.69 7.63 15.54
N TYR B 245 8.19 6.41 15.64
CA TYR B 245 9.56 6.15 15.98
C TYR B 245 10.16 5.55 14.70
N THR B 246 11.39 5.94 14.38
CA THR B 246 12.08 5.31 13.24
C THR B 246 13.44 4.78 13.67
N LEU B 247 13.74 3.60 13.15
CA LEU B 247 15.02 2.97 13.30
C LEU B 247 15.49 2.65 11.86
N GLY B 248 16.62 1.97 11.77
CA GLY B 248 17.22 1.67 10.47
C GLY B 248 18.12 2.80 9.98
N LYS B 249 19.01 2.52 9.02
CA LYS B 249 19.76 3.60 8.36
C LYS B 249 18.73 4.61 7.79
N PRO B 250 18.99 5.93 7.89
CA PRO B 250 20.21 6.63 8.33
C PRO B 250 20.16 7.06 9.80
N THR B 251 19.28 6.48 10.62
CA THR B 251 19.12 7.00 12.00
C THR B 251 20.35 6.82 12.85
N LYS B 252 20.60 7.83 13.69
CA LYS B 252 21.63 7.70 14.70
C LYS B 252 21.36 6.52 15.61
N LEU B 253 20.10 6.23 15.90
CA LEU B 253 19.82 5.06 16.77
C LEU B 253 20.44 3.80 16.20
N THR B 254 20.33 3.56 14.89
CA THR B 254 20.85 2.35 14.27
C THR B 254 22.39 2.41 14.14
N TYR B 255 22.95 3.58 13.79
CA TYR B 255 24.41 3.67 13.70
C TYR B 255 25.11 3.43 15.03
N ASP B 256 24.59 4.00 16.12
CA ASP B 256 25.15 3.76 17.44
C ASP B 256 25.08 2.27 17.79
N PHE B 257 23.93 1.66 17.53
CA PHE B 257 23.77 0.23 17.79
C PHE B 257 24.81 -0.56 16.99
N ALA B 258 24.87 -0.29 15.68
CA ALA B 258 25.83 -0.94 14.77
C ALA B 258 27.27 -0.74 15.21
N HIS B 259 27.58 0.46 15.68
CA HIS B 259 28.96 0.74 16.10
C HIS B 259 29.33 -0.18 17.27
N HIS B 260 28.43 -0.33 18.25
CA HIS B 260 28.70 -1.25 19.36
C HIS B 260 29.00 -2.65 18.84
N VAL B 261 28.18 -3.12 17.89
CA VAL B 261 28.31 -4.48 17.34
C VAL B 261 29.67 -4.64 16.67
N LEU B 262 30.08 -3.62 15.92
CA LEU B 262 31.36 -3.66 15.22
C LEU B 262 32.54 -3.70 16.17
N ILE B 263 32.44 -2.90 17.23
CA ILE B 263 33.46 -2.86 18.26
C ILE B 263 33.60 -4.22 18.92
N ASP B 264 32.48 -4.84 19.25
CA ASP B 264 32.57 -6.14 19.88
C ASP B 264 33.07 -7.17 18.90
N TRP B 265 32.68 -7.05 17.64
CA TRP B 265 33.18 -8.00 16.65
C TRP B 265 34.70 -7.91 16.57
N GLU B 266 35.23 -6.70 16.53
CA GLU B 266 36.66 -6.54 16.38
C GLU B 266 37.35 -7.17 17.60
N LYS B 267 36.73 -7.10 18.79
CA LYS B 267 37.38 -7.69 19.96
C LYS B 267 37.45 -9.21 19.79
N ARG B 268 36.44 -9.79 19.14
CA ARG B 268 36.40 -11.23 18.97
C ARG B 268 37.37 -11.64 17.91
N LEU B 269 37.44 -10.82 16.84
CA LEU B 269 38.23 -11.12 15.66
C LEU B 269 39.71 -11.14 16.02
N SER B 270 40.07 -10.29 16.97
CA SER B 270 41.45 -10.08 17.39
C SER B 270 41.83 -10.93 18.59
N GLY B 271 40.91 -11.81 18.99
CA GLY B 271 41.17 -12.75 20.05
C GLY B 271 41.10 -12.17 21.44
N LYS B 272 40.67 -10.92 21.59
CA LYS B 272 40.51 -10.33 22.91
C LYS B 272 39.27 -10.86 23.65
N ILE B 273 38.39 -11.54 22.94
CA ILE B 273 37.18 -12.10 23.54
C ILE B 273 36.90 -13.46 22.92
N GLY B 274 36.62 -14.46 23.76
CA GLY B 274 36.49 -15.83 23.27
C GLY B 274 35.30 -15.99 22.34
N GLN B 275 35.40 -16.93 21.42
CA GLN B 275 34.32 -17.17 20.47
C GLN B 275 33.08 -17.75 21.15
N SER B 276 33.19 -18.11 22.42
CA SER B 276 32.05 -18.70 23.07
C SER B 276 31.38 -17.74 24.03
N VAL B 277 31.91 -16.53 24.16
CA VAL B 277 31.34 -15.55 25.06
C VAL B 277 30.11 -14.92 24.46
N LYS B 278 29.02 -14.98 25.18
CA LYS B 278 27.77 -14.42 24.76
C LYS B 278 27.91 -12.93 24.55
N GLN B 279 27.28 -12.41 23.52
CA GLN B 279 27.40 -10.99 23.24
C GLN B 279 26.31 -10.16 23.90
N LYS B 280 26.70 -9.07 24.57
CA LYS B 280 25.76 -8.25 25.32
C LYS B 280 25.03 -7.30 24.37
N LEU B 281 23.74 -7.13 24.59
CA LEU B 281 22.94 -6.31 23.73
C LEU B 281 23.26 -4.84 24.00
N PRO B 282 23.63 -4.07 22.96
CA PRO B 282 23.86 -2.64 23.22
C PRO B 282 22.60 -1.91 23.70
N LEU B 283 22.73 -0.93 24.61
CA LEU B 283 21.60 -0.12 24.99
C LEU B 283 21.18 0.84 23.87
N LEU B 284 19.90 0.89 23.55
CA LEU B 284 19.43 1.83 22.55
C LEU B 284 19.69 3.26 23.01
N GLY B 285 20.22 4.12 22.14
CA GLY B 285 20.42 5.52 22.49
C GLY B 285 21.80 5.86 23.06
N THR B 286 22.69 4.89 23.15
CA THR B 286 24.00 5.13 23.75
C THR B 286 25.14 5.02 22.72
N LYS B 287 26.07 5.96 22.79
CA LYS B 287 27.28 5.88 21.96
C LYS B 287 28.29 4.94 22.66
N PRO B 288 29.06 4.17 21.86
CA PRO B 288 30.06 3.29 22.46
C PRO B 288 31.05 4.10 23.30
N SER B 289 31.51 3.52 24.42
CA SER B 289 32.46 4.19 25.32
C SER B 289 33.77 4.49 24.63
N THR B 290 34.28 3.50 23.91
CA THR B 290 35.53 3.61 23.16
C THR B 290 35.25 3.60 21.66
N SER B 291 36.28 3.84 20.85
CA SER B 291 36.19 3.48 19.45
C SER B 291 37.57 3.21 18.90
N PRO B 292 37.87 1.93 18.65
CA PRO B 292 39.23 1.61 18.25
C PRO B 292 39.52 1.94 16.80
N PHE B 293 38.54 2.40 16.00
CA PHE B 293 38.78 2.55 14.56
C PHE B 293 39.25 3.93 14.13
N HIS B 294 40.32 3.97 13.35
CA HIS B 294 40.76 5.20 12.72
C HIS B 294 39.70 5.69 11.74
N ALA B 295 39.08 4.76 11.02
CA ALA B 295 37.99 5.11 10.11
C ALA B 295 37.11 3.92 9.90
N VAL B 296 35.83 4.16 9.68
CA VAL B 296 34.90 3.11 9.26
C VAL B 296 34.30 3.52 7.93
N PHE B 297 34.30 2.62 6.97
CA PHE B 297 33.71 2.95 5.67
C PHE B 297 32.41 2.21 5.47
N MET B 298 31.33 2.98 5.36
CA MET B 298 30.03 2.43 5.01
C MET B 298 30.00 2.22 3.52
N VAL B 299 29.72 0.99 3.04
CA VAL B 299 29.64 0.75 1.62
C VAL B 299 28.17 0.53 1.25
N GLY B 300 27.60 1.43 0.45
CA GLY B 300 26.17 1.37 0.18
C GLY B 300 25.80 1.82 -1.20
N ASP B 301 24.53 1.59 -1.58
CA ASP B 301 24.06 1.95 -2.92
C ASP B 301 23.04 3.06 -2.86
N ASN B 302 22.67 3.49 -1.66
CA ASN B 302 21.53 4.44 -1.56
C ASN B 302 21.93 5.70 -0.81
N PRO B 303 22.15 6.79 -1.54
CA PRO B 303 22.56 8.06 -0.93
C PRO B 303 21.62 8.46 0.23
N ALA B 304 20.30 8.15 0.13
CA ALA B 304 19.33 8.65 1.11
C ALA B 304 19.31 7.83 2.39
N SER B 305 20.09 6.75 2.42
CA SER B 305 20.11 5.92 3.61
CA SER B 305 20.09 5.82 3.52
C SER B 305 21.52 5.54 4.01
N ASP B 306 22.30 4.88 3.16
CA ASP B 306 23.67 4.53 3.51
C ASP B 306 24.59 5.72 3.66
N ILE B 307 24.56 6.61 2.67
CA ILE B 307 25.58 7.67 2.61
C ILE B 307 25.27 8.78 3.59
N ILE B 308 24.01 9.25 3.59
CA ILE B 308 23.70 10.33 4.53
C ILE B 308 23.77 9.78 5.95
N GLY B 309 23.47 8.50 6.14
CA GLY B 309 23.52 7.92 7.48
C GLY B 309 24.97 7.89 7.99
N ALA B 310 25.87 7.38 7.16
CA ALA B 310 27.29 7.34 7.55
C ALA B 310 27.79 8.76 7.78
N GLN B 311 27.43 9.65 6.86
CA GLN B 311 27.93 11.02 6.93
C GLN B 311 27.52 11.75 8.23
N ASN B 312 26.23 11.68 8.57
CA ASN B 312 25.72 12.24 9.81
C ASN B 312 26.35 11.64 11.04
N TYR B 313 26.71 10.36 10.94
CA TYR B 313 27.32 9.65 12.05
C TYR B 313 28.83 9.95 12.19
N GLY B 314 29.47 10.39 11.11
CA GLY B 314 30.88 10.74 11.15
C GLY B 314 31.79 9.65 10.56
N TRP B 315 31.16 8.69 9.89
CA TRP B 315 31.87 7.63 9.19
C TRP B 315 32.16 8.05 7.76
N ASN B 316 33.12 7.36 7.14
CA ASN B 316 33.40 7.57 5.74
C ASN B 316 32.46 6.68 4.93
N SER B 317 32.40 6.84 3.62
CA SER B 317 31.42 6.10 2.83
C SER B 317 31.92 5.83 1.44
N CYS B 318 31.60 4.65 0.90
CA CYS B 318 31.79 4.34 -0.51
C CYS B 318 30.40 4.18 -1.12
N LEU B 319 30.07 4.94 -2.16
CA LEU B 319 28.79 4.78 -2.89
C LEU B 319 29.03 3.91 -4.13
N VAL B 320 28.34 2.76 -4.25
CA VAL B 320 28.51 1.93 -5.42
C VAL B 320 27.39 2.18 -6.40
N LYS B 321 27.55 1.66 -7.61
CA LYS B 321 26.60 1.90 -8.70
C LYS B 321 25.81 0.63 -9.04
N THR B 322 25.91 -0.40 -8.20
CA THR B 322 25.21 -1.66 -8.53
C THR B 322 23.80 -1.80 -7.93
N GLY B 323 23.26 -0.73 -7.36
CA GLY B 323 21.94 -0.74 -6.75
C GLY B 323 21.15 0.51 -7.06
N VAL B 324 20.62 1.15 -6.03
CA VAL B 324 19.73 2.29 -6.19
C VAL B 324 20.34 3.41 -7.02
N TYR B 325 21.56 3.84 -6.70
CA TYR B 325 22.17 5.01 -7.34
C TYR B 325 22.66 4.71 -8.75
N ASN B 326 22.38 5.60 -9.70
CA ASN B 326 22.98 5.53 -11.05
C ASN B 326 23.82 6.75 -11.24
N GLU B 327 24.94 6.65 -11.93
CA GLU B 327 25.77 7.84 -12.08
C GLU B 327 24.95 8.98 -12.65
N GLY B 328 25.17 10.18 -12.12
CA GLY B 328 24.41 11.34 -12.54
C GLY B 328 23.31 11.74 -11.59
N ASP B 329 22.80 10.78 -10.82
CA ASP B 329 21.70 11.08 -9.90
C ASP B 329 22.09 12.18 -8.94
N ASP B 330 21.08 12.92 -8.49
CA ASP B 330 21.26 14.04 -7.60
C ASP B 330 21.69 13.51 -6.26
N LEU B 331 22.86 13.90 -5.78
CA LEU B 331 23.31 13.45 -4.46
C LEU B 331 22.78 14.30 -3.31
N LYS B 332 22.13 15.42 -3.62
CA LYS B 332 21.66 16.34 -2.58
C LYS B 332 22.80 16.70 -1.62
N GLU B 333 22.64 16.48 -0.32
CA GLU B 333 23.68 16.91 0.62
C GLU B 333 24.73 15.84 0.92
N CYS B 334 24.69 14.74 0.20
CA CYS B 334 25.64 13.66 0.32
C CYS B 334 26.96 13.92 -0.32
N LYS B 335 28.01 13.65 0.40
CA LYS B 335 29.32 13.75 -0.16
C LYS B 335 30.03 12.45 0.14
N PRO B 336 29.81 11.44 -0.69
CA PRO B 336 30.43 10.13 -0.44
C PRO B 336 31.95 10.28 -0.46
N THR B 337 32.65 9.48 0.33
CA THR B 337 34.11 9.63 0.38
C THR B 337 34.69 9.20 -0.97
N LEU B 338 34.12 8.13 -1.50
CA LEU B 338 34.47 7.56 -2.83
C LEU B 338 33.19 7.11 -3.50
N ILE B 339 33.14 7.26 -4.83
CA ILE B 339 32.06 6.70 -5.66
C ILE B 339 32.76 5.73 -6.59
N VAL B 340 32.29 4.47 -6.61
CA VAL B 340 32.98 3.41 -7.32
C VAL B 340 31.92 2.51 -8.02
N ASN B 341 32.40 1.65 -8.90
CA ASN B 341 31.47 0.77 -9.63
C ASN B 341 30.76 -0.23 -8.77
N ASP B 342 31.50 -0.89 -7.86
CA ASP B 342 30.95 -2.05 -7.15
C ASP B 342 31.67 -2.28 -5.83
N VAL B 343 31.23 -3.29 -5.10
CA VAL B 343 31.73 -3.52 -3.75
C VAL B 343 33.21 -3.89 -3.73
N PHE B 344 33.66 -4.67 -4.72
CA PHE B 344 35.05 -5.07 -4.77
C PHE B 344 35.95 -3.86 -4.97
N ASP B 345 35.57 -2.97 -5.88
CA ASP B 345 36.28 -1.72 -6.09
C ASP B 345 36.24 -0.87 -4.83
N ALA B 346 35.12 -0.90 -4.12
CA ALA B 346 35.01 -0.10 -2.91
C ALA B 346 36.05 -0.55 -1.89
N VAL B 347 36.17 -1.84 -1.71
CA VAL B 347 37.10 -2.34 -0.71
C VAL B 347 38.50 -2.11 -1.16
N THR B 348 38.81 -2.47 -2.40
CA THR B 348 40.21 -2.38 -2.84
C THR B 348 40.68 -0.93 -2.87
N LYS B 349 39.87 -0.02 -3.42
CA LYS B 349 40.25 1.40 -3.46
C LYS B 349 40.37 2.04 -2.06
N THR B 350 39.47 1.70 -1.15
CA THR B 350 39.55 2.17 0.25
C THR B 350 40.84 1.70 0.96
N LEU B 351 41.14 0.40 0.89
CA LEU B 351 42.38 -0.13 1.52
C LEU B 351 43.62 0.51 0.92
N GLU B 352 43.60 0.78 -0.38
CA GLU B 352 44.82 1.27 -1.04
C GLU B 352 45.00 2.71 -0.60
N LYS B 353 43.90 3.43 -0.46
CA LYS B 353 43.98 4.85 -0.17
C LYS B 353 44.15 5.12 1.32
N TYR B 354 43.42 4.35 2.13
CA TYR B 354 43.27 4.65 3.55
C TYR B 354 43.90 3.60 4.46
N ALA B 355 44.60 2.62 3.88
CA ALA B 355 45.29 1.58 4.67
C ALA B 355 46.59 1.09 4.00
#